data_3TIE
#
_entry.id   3TIE
#
_cell.length_a   69.264
_cell.length_b   84.710
_cell.length_c   87.895
_cell.angle_alpha   90.00
_cell.angle_beta   98.12
_cell.angle_gamma   90.00
#
_symmetry.space_group_name_H-M   'P 1 21 1'
#
loop_
_entity.id
_entity.type
_entity.pdbx_description
1 polymer 'H-2 class I histocompatibility antigen, K-B alpha chain'
2 polymer Beta-2-microglobulin
3 polymer 'Vaccinia derived octamer peptide'
4 water water
#
loop_
_entity_poly.entity_id
_entity_poly.type
_entity_poly.pdbx_seq_one_letter_code
_entity_poly.pdbx_strand_id
1 'polypeptide(L)'
;IQEEFKMGPHSLRYFVTAVSRPGLGEPRYMEVGYVDDTEFVRFDSDAENPRYEPRARWMEQEGPEYWERETQKAKGNEQS
FRVDLRTLLGYYNQSKGGSHTIQVISGCEVGSDGRLLRGYQQYAYDGRDYIALNEDLKTWTAADMAALITKHKWEQAGEA
ERLRAYLEGTCVEWLRRYLKNGNATLLRTDSPKAHVTHHSRPEDKVTLRCWALGFYPADITLTWQLNGEELIQDMELVET
RPAGDGTFQKWASVVVPLGKEQYYTCHVYHQGLPEPLTLRWEPC
;
A,D
2 'polypeptide(L)'
;IQRTPKIQVYSRHPAENGKSNFLNCYVSGFHPSDIEVDLLKNGERIEKVEHSDLSFSKDWSFYLLYYTEFTPTEKDEYAC
RVNHVTLSQPKIVKWDRDM
;
B,E
3 'polypeptide(L)' AIVNYANL C,F
#
# COMPACT_ATOMS: atom_id res chain seq x y z
N GLY A 8 -0.27 -7.85 8.78
CA GLY A 8 -0.34 -7.73 7.33
C GLY A 8 0.54 -6.60 6.86
N PRO A 9 0.54 -6.34 5.55
CA PRO A 9 -0.25 -7.06 4.54
C PRO A 9 0.37 -8.41 4.14
N HIS A 10 -0.47 -9.35 3.72
CA HIS A 10 -0.02 -10.67 3.28
C HIS A 10 -0.85 -11.12 2.09
N SER A 11 -0.38 -12.17 1.41
CA SER A 11 -1.07 -12.68 0.24
C SER A 11 -0.91 -14.19 0.10
N LEU A 12 -1.94 -14.80 -0.45
CA LEU A 12 -1.90 -16.20 -0.85
C LEU A 12 -2.26 -16.27 -2.31
N ARG A 13 -1.36 -16.83 -3.11
CA ARG A 13 -1.59 -16.91 -4.56
C ARG A 13 -1.20 -18.25 -5.14
N TYR A 14 -1.99 -18.68 -6.11
CA TYR A 14 -1.69 -19.88 -6.89
C TYR A 14 -1.45 -19.52 -8.34
N PHE A 15 -0.37 -20.09 -8.89
CA PHE A 15 0.01 -19.92 -10.28
C PHE A 15 -0.16 -21.28 -10.94
N VAL A 16 -1.02 -21.35 -11.94
CA VAL A 16 -1.35 -22.62 -12.59
C VAL A 16 -0.88 -22.62 -14.04
N THR A 17 -0.36 -23.76 -14.49
CA THR A 17 0.06 -23.92 -15.88
C THR A 17 -0.41 -25.25 -16.47
N ALA A 18 -1.00 -25.19 -17.65
CA ALA A 18 -1.35 -26.39 -18.39
C ALA A 18 -0.82 -26.20 -19.81
N VAL A 19 -0.02 -27.16 -20.26
CA VAL A 19 0.65 -27.04 -21.57
C VAL A 19 0.36 -28.31 -22.35
N SER A 20 -0.30 -28.19 -23.49
CA SER A 20 -0.58 -29.35 -24.32
C SER A 20 0.67 -29.70 -25.11
N ARG A 21 0.81 -30.99 -25.43
CA ARG A 21 1.94 -31.43 -26.24
C ARG A 21 1.49 -32.62 -27.08
N PRO A 22 0.73 -32.32 -28.14
CA PRO A 22 0.11 -33.34 -28.98
C PRO A 22 1.17 -34.29 -29.53
N GLY A 23 0.86 -35.57 -29.50
CA GLY A 23 1.77 -36.59 -30.00
C GLY A 23 2.64 -37.13 -28.90
N LEU A 24 2.78 -36.35 -27.83
CA LEU A 24 3.67 -36.72 -26.73
C LEU A 24 2.94 -37.07 -25.43
N GLY A 25 1.62 -37.21 -25.49
CA GLY A 25 0.86 -37.56 -24.30
C GLY A 25 -0.04 -36.44 -23.82
N GLU A 26 -0.48 -36.55 -22.56
CA GLU A 26 -1.43 -35.60 -21.99
C GLU A 26 -0.72 -34.32 -21.62
N PRO A 27 -1.48 -33.22 -21.48
CA PRO A 27 -0.85 -31.95 -21.12
C PRO A 27 -0.01 -32.03 -19.85
N ARG A 28 1.02 -31.19 -19.79
CA ARG A 28 1.73 -30.94 -18.54
C ARG A 28 0.85 -30.04 -17.67
N TYR A 29 0.64 -30.43 -16.42
CA TYR A 29 -0.18 -29.62 -15.51
C TYR A 29 0.54 -29.34 -14.21
N MET A 30 0.54 -28.05 -13.81
CA MET A 30 1.26 -27.63 -12.59
C MET A 30 0.46 -26.61 -11.79
N GLU A 31 0.50 -26.74 -10.46
CA GLU A 31 -0.04 -25.71 -9.57
C GLU A 31 1.07 -25.35 -8.59
N VAL A 32 1.32 -24.05 -8.42
CA VAL A 32 2.34 -23.60 -7.48
C VAL A 32 1.72 -22.57 -6.53
N GLY A 33 1.87 -22.80 -5.22
CA GLY A 33 1.31 -21.88 -4.26
C GLY A 33 2.36 -20.99 -3.61
N TYR A 34 2.00 -19.73 -3.39
CA TYR A 34 2.90 -18.74 -2.77
C TYR A 34 2.24 -18.08 -1.57
N VAL A 35 2.89 -18.11 -0.41
CA VAL A 35 2.56 -17.20 0.66
C VAL A 35 3.56 -16.04 0.66
N ASP A 36 3.05 -14.83 0.54
CA ASP A 36 3.91 -13.63 0.49
C ASP A 36 5.05 -13.81 -0.50
N ASP A 37 4.72 -14.30 -1.69
CA ASP A 37 5.70 -14.45 -2.77
C ASP A 37 6.80 -15.50 -2.54
N THR A 38 6.62 -16.30 -1.49
CA THR A 38 7.48 -17.46 -1.26
C THR A 38 6.73 -18.76 -1.57
N GLU A 39 7.27 -19.54 -2.50
CA GLU A 39 6.66 -20.82 -2.86
C GLU A 39 6.54 -21.70 -1.62
N PHE A 40 5.37 -22.29 -1.39
CA PHE A 40 5.21 -23.15 -0.22
C PHE A 40 4.65 -24.55 -0.55
N VAL A 41 4.00 -24.67 -1.70
CA VAL A 41 3.46 -25.97 -2.16
C VAL A 41 3.57 -26.07 -3.67
N ARG A 42 3.68 -27.27 -4.19
CA ARG A 42 3.78 -27.47 -5.64
C ARG A 42 3.17 -28.80 -6.06
N PHE A 43 2.42 -28.77 -7.14
CA PHE A 43 1.97 -29.99 -7.79
C PHE A 43 2.46 -29.94 -9.23
N ASP A 44 2.96 -31.05 -9.76
CA ASP A 44 3.46 -31.10 -11.13
C ASP A 44 3.17 -32.48 -11.70
N SER A 45 2.41 -32.56 -12.79
CA SER A 45 1.95 -33.85 -13.28
C SER A 45 3.12 -34.68 -13.77
N ASP A 46 4.26 -34.02 -14.02
CA ASP A 46 5.43 -34.69 -14.58
C ASP A 46 6.40 -35.23 -13.54
N ALA A 47 6.13 -34.97 -12.27
CA ALA A 47 6.98 -35.49 -11.21
C ALA A 47 6.89 -37.01 -11.15
N GLU A 48 7.94 -37.63 -10.63
CA GLU A 48 7.97 -39.08 -10.41
C GLU A 48 6.64 -39.57 -9.87
N ASN A 49 6.21 -39.02 -8.73
CA ASN A 49 4.85 -39.23 -8.25
C ASN A 49 4.07 -37.93 -8.20
N PRO A 50 3.06 -37.80 -9.07
CA PRO A 50 2.27 -36.55 -9.18
C PRO A 50 1.41 -36.35 -7.94
N ARG A 51 1.86 -35.47 -7.06
CA ARG A 51 1.18 -35.21 -5.80
CA ARG A 51 1.16 -35.20 -5.82
C ARG A 51 1.59 -33.84 -5.27
N TYR A 52 0.77 -33.27 -4.39
CA TYR A 52 1.09 -32.00 -3.78
C TYR A 52 2.25 -32.21 -2.82
N GLU A 53 3.24 -31.33 -2.89
CA GLU A 53 4.43 -31.43 -2.03
C GLU A 53 4.65 -30.13 -1.25
N PRO A 54 5.09 -30.25 0.00
CA PRO A 54 5.54 -29.07 0.73
C PRO A 54 6.80 -28.50 0.07
N ARG A 55 6.88 -27.18 -0.04
CA ARG A 55 8.05 -26.54 -0.66
C ARG A 55 8.78 -25.65 0.34
N ALA A 56 8.25 -25.62 1.57
CA ALA A 56 8.89 -24.92 2.67
C ALA A 56 8.76 -25.80 3.90
N ARG A 57 9.76 -25.76 4.77
CA ARG A 57 9.79 -26.66 5.92
C ARG A 57 8.56 -26.52 6.83
N TRP A 58 8.06 -25.30 6.99
CA TRP A 58 6.94 -25.10 7.89
C TRP A 58 5.64 -25.77 7.41
N MET A 59 5.57 -26.14 6.13
CA MET A 59 4.39 -26.82 5.62
C MET A 59 4.37 -28.31 5.95
N GLU A 60 5.50 -28.85 6.39
CA GLU A 60 5.59 -30.26 6.71
C GLU A 60 4.68 -30.60 7.90
N GLN A 61 4.23 -29.57 8.60
CA GLN A 61 3.33 -29.71 9.74
C GLN A 61 1.98 -30.29 9.36
N GLU A 62 1.48 -29.92 8.18
CA GLU A 62 0.17 -30.37 7.73
C GLU A 62 0.09 -31.90 7.63
N GLY A 63 -1.03 -32.45 8.11
CA GLY A 63 -1.23 -33.89 8.12
C GLY A 63 -1.60 -34.48 6.77
N PRO A 64 -1.66 -35.82 6.71
CA PRO A 64 -1.86 -36.57 5.47
C PRO A 64 -3.18 -36.26 4.75
N GLU A 65 -4.23 -35.95 5.50
CA GLU A 65 -5.53 -35.65 4.90
C GLU A 65 -5.48 -34.37 4.06
N TYR A 66 -4.70 -33.39 4.51
CA TYR A 66 -4.51 -32.16 3.75
C TYR A 66 -3.87 -32.50 2.39
N TRP A 67 -2.74 -33.20 2.44
CA TRP A 67 -2.03 -33.58 1.21
C TRP A 67 -2.89 -34.39 0.26
N GLU A 68 -3.70 -35.29 0.81
CA GLU A 68 -4.57 -36.12 0.00
C GLU A 68 -5.66 -35.28 -0.67
N ARG A 69 -6.31 -34.43 0.13
CA ARG A 69 -7.40 -33.61 -0.40
C ARG A 69 -6.91 -32.64 -1.49
N GLU A 70 -5.79 -31.97 -1.24
CA GLU A 70 -5.25 -31.02 -2.23
C GLU A 70 -4.73 -31.73 -3.50
N THR A 71 -4.13 -32.90 -3.31
CA THR A 71 -3.73 -33.71 -4.46
C THR A 71 -4.96 -34.04 -5.30
N GLN A 72 -6.04 -34.50 -4.66
CA GLN A 72 -7.25 -34.84 -5.41
C GLN A 72 -7.86 -33.66 -6.16
N LYS A 73 -7.91 -32.48 -5.51
CA LYS A 73 -8.33 -31.25 -6.21
C LYS A 73 -7.45 -30.97 -7.44
N ALA A 74 -6.13 -31.09 -7.27
CA ALA A 74 -5.21 -30.86 -8.38
C ALA A 74 -5.52 -31.82 -9.54
N LYS A 75 -5.79 -33.07 -9.21
CA LYS A 75 -6.12 -34.03 -10.25
C LYS A 75 -7.42 -33.67 -10.96
N GLY A 76 -8.42 -33.22 -10.19
CA GLY A 76 -9.65 -32.70 -10.77
C GLY A 76 -9.43 -31.47 -11.63
N ASN A 77 -8.73 -30.48 -11.09
CA ASN A 77 -8.33 -29.32 -11.89
C ASN A 77 -7.62 -29.72 -13.19
N GLU A 78 -6.65 -30.63 -13.08
CA GLU A 78 -5.91 -31.11 -14.26
C GLU A 78 -6.88 -31.59 -15.35
N GLN A 79 -7.82 -32.46 -14.98
CA GLN A 79 -8.79 -32.97 -15.95
C GLN A 79 -9.57 -31.83 -16.59
N SER A 80 -9.97 -30.86 -15.76
CA SER A 80 -10.73 -29.71 -16.24
C SER A 80 -9.95 -28.87 -17.25
N PHE A 81 -8.66 -28.66 -17.00
CA PHE A 81 -7.83 -27.91 -17.96
C PHE A 81 -7.56 -28.67 -19.26
N ARG A 82 -7.52 -30.00 -19.21
CA ARG A 82 -7.43 -30.77 -20.44
C ARG A 82 -8.61 -30.42 -21.34
N VAL A 83 -9.79 -30.38 -20.74
CA VAL A 83 -10.99 -30.01 -21.48
C VAL A 83 -10.90 -28.56 -22.01
N ASP A 84 -10.45 -27.64 -21.17
CA ASP A 84 -10.28 -26.24 -21.58
C ASP A 84 -9.37 -26.08 -22.79
N LEU A 85 -8.24 -26.79 -22.77
CA LEU A 85 -7.27 -26.73 -23.88
C LEU A 85 -7.94 -27.07 -25.21
N ARG A 86 -8.80 -28.10 -25.22
CA ARG A 86 -9.57 -28.45 -26.41
C ARG A 86 -10.63 -27.39 -26.75
N THR A 87 -11.32 -26.89 -25.74
CA THR A 87 -12.31 -25.84 -25.97
C THR A 87 -11.68 -24.64 -26.68
N LEU A 88 -10.54 -24.20 -26.18
CA LEU A 88 -9.86 -23.04 -26.77
C LEU A 88 -9.44 -23.29 -28.24
N LEU A 89 -9.08 -24.53 -28.53
CA LEU A 89 -8.76 -24.94 -29.89
C LEU A 89 -9.95 -24.62 -30.79
N GLY A 90 -11.14 -25.00 -30.35
CA GLY A 90 -12.35 -24.66 -31.06
C GLY A 90 -12.62 -23.16 -31.15
N TYR A 91 -12.57 -22.46 -30.01
CA TYR A 91 -12.82 -21.02 -30.02
C TYR A 91 -11.93 -20.31 -31.04
N TYR A 92 -10.64 -20.64 -31.06
CA TYR A 92 -9.67 -19.95 -31.92
C TYR A 92 -9.47 -20.68 -33.26
N ASN A 93 -10.25 -21.72 -33.49
CA ASN A 93 -10.12 -22.51 -34.71
C ASN A 93 -8.65 -22.90 -34.99
N GLN A 94 -8.00 -23.51 -34.01
CA GLN A 94 -6.61 -23.93 -34.14
C GLN A 94 -6.53 -25.45 -34.30
N SER A 95 -5.45 -25.94 -34.89
CA SER A 95 -5.33 -27.36 -35.21
C SER A 95 -4.98 -28.23 -34.00
N LYS A 96 -5.36 -29.50 -34.07
CA LYS A 96 -5.10 -30.42 -32.98
C LYS A 96 -3.61 -30.69 -32.76
N GLY A 97 -2.79 -30.33 -33.73
CA GLY A 97 -1.36 -30.62 -33.65
C GLY A 97 -0.46 -29.70 -32.85
N GLY A 98 -0.89 -28.45 -32.64
CA GLY A 98 -0.03 -27.48 -31.97
C GLY A 98 0.03 -27.60 -30.45
N SER A 99 1.11 -27.09 -29.86
CA SER A 99 1.24 -27.00 -28.42
C SER A 99 0.72 -25.63 -27.90
N HIS A 100 -0.10 -25.63 -26.85
CA HIS A 100 -0.68 -24.37 -26.36
C HIS A 100 -0.67 -24.33 -24.85
N THR A 101 -0.85 -23.13 -24.30
CA THR A 101 -0.67 -22.91 -22.88
C THR A 101 -1.79 -22.11 -22.24
N ILE A 102 -2.33 -22.64 -21.17
CA ILE A 102 -3.20 -21.87 -20.31
C ILE A 102 -2.47 -21.61 -19.00
N GLN A 103 -2.54 -20.37 -18.53
CA GLN A 103 -2.00 -19.99 -17.23
C GLN A 103 -3.08 -19.25 -16.48
N VAL A 104 -3.06 -19.41 -15.16
CA VAL A 104 -4.00 -18.72 -14.29
C VAL A 104 -3.24 -18.22 -13.08
N ILE A 105 -3.60 -17.03 -12.61
CA ILE A 105 -3.17 -16.57 -11.28
C ILE A 105 -4.42 -16.35 -10.41
N SER A 106 -4.45 -16.97 -9.24
CA SER A 106 -5.62 -16.91 -8.37
C SER A 106 -5.18 -16.64 -6.97
N GLY A 107 -5.85 -15.73 -6.28
CA GLY A 107 -5.54 -15.49 -4.89
C GLY A 107 -5.93 -14.16 -4.30
N CYS A 108 -5.49 -13.95 -3.07
CA CYS A 108 -5.96 -12.83 -2.28
C CYS A 108 -4.80 -12.06 -1.66
N GLU A 109 -4.90 -10.75 -1.67
CA GLU A 109 -3.99 -9.91 -0.89
C GLU A 109 -4.80 -9.30 0.24
N VAL A 110 -4.39 -9.54 1.47
CA VAL A 110 -5.12 -8.99 2.61
C VAL A 110 -4.31 -7.90 3.28
N GLY A 111 -5.02 -6.92 3.82
CA GLY A 111 -4.41 -5.77 4.47
C GLY A 111 -4.05 -6.12 5.91
N SER A 112 -3.37 -5.18 6.58
CA SER A 112 -2.90 -5.40 7.93
C SER A 112 -4.06 -5.59 8.92
N ASP A 113 -5.24 -5.10 8.55
CA ASP A 113 -6.45 -5.32 9.35
C ASP A 113 -7.11 -6.69 9.10
N GLY A 114 -6.52 -7.49 8.23
CA GLY A 114 -7.05 -8.83 7.99
C GLY A 114 -8.18 -8.90 6.97
N ARG A 115 -8.45 -7.78 6.30
CA ARG A 115 -9.53 -7.76 5.31
C ARG A 115 -8.93 -7.83 3.91
N LEU A 116 -9.68 -8.41 2.98
CA LEU A 116 -9.22 -8.54 1.60
C LEU A 116 -8.95 -7.17 1.01
N LEU A 117 -7.76 -6.98 0.44
CA LEU A 117 -7.43 -5.77 -0.33
C LEU A 117 -7.77 -5.95 -1.81
N ARG A 118 -7.36 -7.07 -2.37
CA ARG A 118 -7.76 -7.44 -3.73
C ARG A 118 -7.74 -8.93 -3.99
N GLY A 119 -8.71 -9.37 -4.77
CA GLY A 119 -8.81 -10.76 -5.15
C GLY A 119 -8.41 -10.83 -6.60
N TYR A 120 -7.80 -11.94 -6.98
CA TYR A 120 -7.31 -12.12 -8.33
C TYR A 120 -7.84 -13.42 -8.89
N GLN A 121 -8.35 -13.35 -10.12
CA GLN A 121 -8.65 -14.54 -10.89
C GLN A 121 -8.40 -14.14 -12.34
N GLN A 122 -7.19 -14.46 -12.82
CA GLN A 122 -6.70 -13.99 -14.11
C GLN A 122 -6.19 -15.15 -14.98
N TYR A 123 -6.66 -15.20 -16.23
CA TYR A 123 -6.32 -16.26 -17.17
C TYR A 123 -5.51 -15.72 -18.34
N ALA A 124 -4.59 -16.52 -18.85
CA ALA A 124 -3.87 -16.20 -20.09
C ALA A 124 -3.88 -17.42 -20.99
N TYR A 125 -3.91 -17.19 -22.30
CA TYR A 125 -3.79 -18.25 -23.28
C TYR A 125 -2.62 -17.91 -24.19
N ASP A 126 -1.69 -18.86 -24.31
CA ASP A 126 -0.48 -18.65 -25.08
C ASP A 126 0.24 -17.37 -24.69
N GLY A 127 0.27 -17.08 -23.40
CA GLY A 127 1.03 -15.95 -22.88
C GLY A 127 0.36 -14.58 -23.02
N ARG A 128 -0.91 -14.57 -23.42
CA ARG A 128 -1.61 -13.31 -23.63
C ARG A 128 -2.86 -13.27 -22.75
N ASP A 129 -3.17 -12.12 -22.12
CA ASP A 129 -4.37 -12.00 -21.29
C ASP A 129 -5.59 -12.59 -22.00
N TYR A 130 -6.35 -13.44 -21.31
CA TYR A 130 -7.56 -14.00 -21.89
C TYR A 130 -8.81 -13.46 -21.17
N ILE A 131 -8.91 -13.69 -19.88
CA ILE A 131 -10.02 -13.11 -19.09
C ILE A 131 -9.60 -12.88 -17.64
N ALA A 132 -10.26 -11.95 -16.97
CA ALA A 132 -9.89 -11.61 -15.60
C ALA A 132 -11.09 -11.12 -14.81
N LEU A 133 -11.15 -11.50 -13.55
CA LEU A 133 -12.17 -10.99 -12.66
C LEU A 133 -11.81 -9.55 -12.31
N ASN A 134 -12.73 -8.61 -12.52
CA ASN A 134 -12.50 -7.21 -12.13
C ASN A 134 -12.39 -7.01 -10.63
N GLU A 135 -11.83 -5.88 -10.23
CA GLU A 135 -11.66 -5.55 -8.81
C GLU A 135 -12.95 -5.61 -7.99
N ASP A 136 -14.09 -5.34 -8.62
CA ASP A 136 -15.38 -5.42 -7.92
C ASP A 136 -15.74 -6.85 -7.53
N LEU A 137 -15.03 -7.82 -8.12
CA LEU A 137 -15.33 -9.24 -7.91
C LEU A 137 -16.75 -9.59 -8.33
N LYS A 138 -17.29 -8.86 -9.30
CA LYS A 138 -18.63 -9.12 -9.81
C LYS A 138 -18.68 -9.24 -11.33
N THR A 139 -17.77 -8.55 -12.00
CA THR A 139 -17.77 -8.52 -13.46
C THR A 139 -16.44 -8.99 -14.05
N TRP A 140 -16.47 -9.34 -15.33
CA TRP A 140 -15.30 -9.89 -16.02
C TRP A 140 -14.80 -8.95 -17.11
N THR A 141 -13.49 -8.94 -17.32
CA THR A 141 -12.92 -8.29 -18.49
C THR A 141 -12.39 -9.35 -19.47
N ALA A 142 -13.06 -9.49 -20.61
CA ALA A 142 -12.62 -10.39 -21.68
C ALA A 142 -11.67 -9.67 -22.62
N ALA A 143 -10.55 -10.31 -22.95
CA ALA A 143 -9.51 -9.67 -23.78
C ALA A 143 -9.83 -9.71 -25.27
N ASP A 144 -10.69 -10.63 -25.68
CA ASP A 144 -11.01 -10.81 -27.10
C ASP A 144 -12.31 -11.56 -27.28
N MET A 145 -12.68 -11.81 -28.52
CA MET A 145 -14.00 -12.37 -28.80
C MET A 145 -14.16 -13.81 -28.31
N ALA A 146 -13.07 -14.56 -28.24
CA ALA A 146 -13.10 -15.91 -27.69
C ALA A 146 -13.47 -15.84 -26.21
N ALA A 147 -12.79 -14.97 -25.47
CA ALA A 147 -13.06 -14.79 -24.06
C ALA A 147 -14.49 -14.32 -23.79
N LEU A 148 -15.12 -13.70 -24.79
CA LEU A 148 -16.50 -13.27 -24.67
C LEU A 148 -17.43 -14.48 -24.51
N ILE A 149 -17.10 -15.59 -25.18
CA ILE A 149 -17.85 -16.83 -25.02
C ILE A 149 -17.79 -17.30 -23.57
N THR A 150 -16.57 -17.35 -23.03
CA THR A 150 -16.33 -17.73 -21.65
C THR A 150 -17.05 -16.78 -20.69
N LYS A 151 -16.92 -15.48 -20.95
CA LYS A 151 -17.56 -14.48 -20.12
C LYS A 151 -19.06 -14.74 -20.02
N HIS A 152 -19.69 -15.05 -21.16
CA HIS A 152 -21.12 -15.33 -21.17
C HIS A 152 -21.46 -16.58 -20.33
N LYS A 153 -20.72 -17.67 -20.54
CA LYS A 153 -20.92 -18.92 -19.80
C LYS A 153 -20.89 -18.64 -18.30
N TRP A 154 -19.87 -17.90 -17.88
CA TRP A 154 -19.62 -17.67 -16.46
C TRP A 154 -20.65 -16.73 -15.83
N GLU A 155 -21.11 -15.78 -16.63
CA GLU A 155 -22.22 -14.95 -16.19
C GLU A 155 -23.44 -15.81 -15.90
N GLN A 156 -23.72 -16.76 -16.80
CA GLN A 156 -24.87 -17.67 -16.63
C GLN A 156 -24.72 -18.56 -15.41
N ALA A 157 -23.50 -18.96 -15.09
CA ALA A 157 -23.27 -19.92 -14.02
C ALA A 157 -23.02 -19.25 -12.66
N GLY A 158 -23.08 -17.93 -12.61
CA GLY A 158 -22.76 -17.20 -11.39
C GLY A 158 -21.34 -17.45 -10.90
N GLU A 159 -20.43 -17.59 -11.85
CA GLU A 159 -19.02 -17.89 -11.53
C GLU A 159 -18.38 -16.79 -10.70
N ALA A 160 -18.71 -15.53 -11.03
CA ALA A 160 -18.12 -14.41 -10.30
C ALA A 160 -18.44 -14.48 -8.81
N GLU A 161 -19.68 -14.87 -8.50
CA GLU A 161 -20.12 -14.96 -7.11
C GLU A 161 -19.45 -16.12 -6.37
N ARG A 162 -19.27 -17.24 -7.07
CA ARG A 162 -18.54 -18.37 -6.50
C ARG A 162 -17.10 -17.95 -6.18
N LEU A 163 -16.44 -17.28 -7.12
CA LEU A 163 -15.07 -16.83 -6.89
C LEU A 163 -14.96 -15.81 -5.77
N ARG A 164 -15.91 -14.88 -5.72
CA ARG A 164 -15.90 -13.86 -4.67
C ARG A 164 -15.96 -14.50 -3.29
N ALA A 165 -16.77 -15.55 -3.15
CA ALA A 165 -16.87 -16.28 -1.88
C ALA A 165 -15.53 -16.94 -1.56
N TYR A 166 -14.91 -17.53 -2.57
CA TYR A 166 -13.58 -18.11 -2.38
C TYR A 166 -12.56 -17.03 -1.96
N LEU A 167 -12.52 -15.94 -2.71
CA LEU A 167 -11.48 -14.92 -2.51
C LEU A 167 -11.62 -14.14 -1.20
N GLU A 168 -12.86 -13.85 -0.79
CA GLU A 168 -13.08 -13.06 0.41
C GLU A 168 -13.13 -13.96 1.63
N GLY A 169 -13.47 -15.23 1.42
CA GLY A 169 -13.65 -16.16 2.52
C GLY A 169 -12.55 -17.19 2.66
N THR A 170 -12.63 -18.24 1.84
CA THR A 170 -11.71 -19.37 1.90
C THR A 170 -10.23 -18.99 1.79
N CYS A 171 -9.88 -18.24 0.75
CA CYS A 171 -8.50 -17.83 0.51
C CYS A 171 -7.93 -17.11 1.72
N VAL A 172 -8.67 -16.09 2.18
CA VAL A 172 -8.28 -15.32 3.34
C VAL A 172 -8.04 -16.25 4.54
N GLU A 173 -8.94 -17.22 4.73
CA GLU A 173 -8.89 -18.06 5.91
C GLU A 173 -7.69 -18.99 5.90
N TRP A 174 -7.39 -19.57 4.74
CA TRP A 174 -6.23 -20.43 4.58
C TRP A 174 -4.93 -19.66 4.79
N LEU A 175 -4.84 -18.47 4.20
CA LEU A 175 -3.69 -17.58 4.41
C LEU A 175 -3.40 -17.43 5.91
N ARG A 176 -4.45 -17.14 6.68
CA ARG A 176 -4.34 -17.03 8.13
C ARG A 176 -3.72 -18.31 8.73
N ARG A 177 -4.26 -19.48 8.37
CA ARG A 177 -3.67 -20.74 8.83
C ARG A 177 -2.22 -20.93 8.40
N TYR A 178 -1.92 -20.65 7.14
CA TYR A 178 -0.55 -20.85 6.64
C TYR A 178 0.45 -19.96 7.38
N LEU A 179 0.10 -18.69 7.56
CA LEU A 179 0.92 -17.78 8.34
C LEU A 179 1.18 -18.32 9.75
N LYS A 180 0.16 -18.88 10.37
CA LYS A 180 0.31 -19.45 11.70
C LYS A 180 1.26 -20.65 11.67
N ASN A 181 1.17 -21.45 10.61
CA ASN A 181 2.07 -22.60 10.42
C ASN A 181 3.53 -22.19 10.36
N GLY A 182 3.79 -21.10 9.64
CA GLY A 182 5.16 -20.68 9.39
C GLY A 182 5.72 -19.90 10.55
N ASN A 183 4.84 -19.53 11.48
CA ASN A 183 5.15 -18.55 12.50
C ASN A 183 5.74 -17.31 11.84
N ALA A 184 5.03 -16.80 10.83
CA ALA A 184 5.55 -15.74 9.99
C ALA A 184 4.51 -14.67 9.71
N THR A 185 4.26 -13.81 10.69
CA THR A 185 3.32 -12.70 10.52
C THR A 185 4.04 -11.36 10.20
N LEU A 186 5.33 -11.30 10.51
CA LEU A 186 6.20 -10.20 10.04
C LEU A 186 6.86 -10.63 8.74
N LEU A 187 6.77 -9.79 7.71
CA LEU A 187 7.33 -10.14 6.40
C LEU A 187 8.84 -10.38 6.51
N ARG A 188 9.32 -11.41 5.83
CA ARG A 188 10.76 -11.70 5.80
C ARG A 188 11.53 -10.71 4.92
N THR A 189 12.67 -10.22 5.42
CA THR A 189 13.52 -9.31 4.65
C THR A 189 15.00 -9.52 4.96
N ASP A 190 15.82 -9.42 3.92
CA ASP A 190 17.27 -9.41 4.03
C ASP A 190 17.76 -8.14 3.33
N SER A 191 18.48 -7.33 4.08
CA SER A 191 18.95 -6.06 3.54
C SER A 191 20.08 -6.35 2.59
N PRO A 192 20.20 -5.52 1.55
CA PRO A 192 21.31 -5.69 0.62
C PRO A 192 22.61 -5.25 1.27
N LYS A 193 23.71 -5.91 0.92
CA LYS A 193 25.02 -5.38 1.26
C LYS A 193 25.62 -4.82 -0.02
N ALA A 194 26.03 -3.57 0.02
CA ALA A 194 26.48 -2.89 -1.17
C ALA A 194 27.99 -2.58 -1.15
N HIS A 195 28.58 -2.49 -2.35
CA HIS A 195 29.96 -2.03 -2.49
C HIS A 195 30.17 -1.56 -3.93
N VAL A 196 31.20 -0.77 -4.14
CA VAL A 196 31.52 -0.23 -5.45
C VAL A 196 32.82 -0.84 -5.93
N THR A 197 32.83 -1.34 -7.16
CA THR A 197 34.05 -1.85 -7.77
C THR A 197 34.54 -0.88 -8.83
N HIS A 198 35.84 -0.93 -9.11
CA HIS A 198 36.51 0.05 -9.95
C HIS A 198 37.18 -0.67 -11.12
N HIS A 199 36.81 -0.29 -12.34
CA HIS A 199 37.42 -0.92 -13.50
C HIS A 199 37.98 0.11 -14.48
N SER A 200 39.30 0.24 -14.49
CA SER A 200 39.99 1.07 -15.48
C SER A 200 39.53 0.74 -16.89
N ARG A 201 39.40 1.78 -17.71
CA ARG A 201 39.09 1.64 -19.13
C ARG A 201 40.12 2.45 -19.91
N PRO A 202 40.26 2.17 -21.22
CA PRO A 202 41.23 2.91 -22.03
C PRO A 202 40.98 4.43 -22.03
N GLU A 203 42.04 5.19 -22.26
CA GLU A 203 41.92 6.64 -22.36
C GLU A 203 41.31 7.28 -21.11
N ASP A 204 41.97 7.04 -19.97
CA ASP A 204 41.69 7.74 -18.70
C ASP A 204 40.23 7.78 -18.29
N LYS A 205 39.52 6.68 -18.52
CA LYS A 205 38.14 6.54 -18.05
C LYS A 205 38.04 5.43 -17.01
N VAL A 206 36.94 5.40 -16.27
CA VAL A 206 36.78 4.47 -15.15
C VAL A 206 35.33 4.00 -15.03
N THR A 207 35.13 2.68 -14.94
CA THR A 207 33.79 2.15 -14.65
C THR A 207 33.60 2.02 -13.14
N LEU A 208 32.62 2.74 -12.61
CA LEU A 208 32.17 2.52 -11.24
C LEU A 208 30.92 1.63 -11.25
N ARG A 209 31.00 0.49 -10.59
CA ARG A 209 29.87 -0.45 -10.58
C ARG A 209 29.41 -0.63 -9.15
N CYS A 210 28.18 -0.21 -8.89
CA CYS A 210 27.61 -0.31 -7.56
C CYS A 210 26.79 -1.59 -7.40
N TRP A 211 27.23 -2.46 -6.50
CA TRP A 211 26.62 -3.78 -6.33
C TRP A 211 25.74 -3.81 -5.10
N ALA A 212 24.61 -4.50 -5.23
CA ALA A 212 23.77 -4.85 -4.11
C ALA A 212 23.66 -6.37 -4.09
N LEU A 213 24.06 -6.99 -2.99
CA LEU A 213 24.04 -8.43 -2.86
C LEU A 213 23.29 -8.90 -1.61
N GLY A 214 22.78 -10.12 -1.69
CA GLY A 214 22.23 -10.83 -0.55
C GLY A 214 20.93 -10.27 0.00
N PHE A 215 20.12 -9.67 -0.87
CA PHE A 215 18.88 -9.04 -0.41
C PHE A 215 17.64 -9.85 -0.78
N TYR A 216 16.58 -9.65 0.01
CA TYR A 216 15.29 -10.28 -0.19
C TYR A 216 14.23 -9.44 0.50
N PRO A 217 13.08 -9.24 -0.16
CA PRO A 217 12.76 -9.80 -1.48
C PRO A 217 13.44 -9.04 -2.61
N ALA A 218 13.11 -9.39 -3.86
CA ALA A 218 13.81 -8.93 -5.04
C ALA A 218 13.70 -7.43 -5.33
N ASP A 219 12.57 -6.83 -4.96
CA ASP A 219 12.34 -5.41 -5.26
C ASP A 219 13.44 -4.50 -4.69
N ILE A 220 14.01 -3.66 -5.55
CA ILE A 220 15.12 -2.83 -5.14
C ILE A 220 15.33 -1.73 -6.16
N THR A 221 15.93 -0.62 -5.74
CA THR A 221 16.31 0.43 -6.67
C THR A 221 17.73 0.86 -6.39
N LEU A 222 18.52 1.01 -7.46
CA LEU A 222 19.87 1.57 -7.36
C LEU A 222 19.97 2.81 -8.24
N THR A 223 20.61 3.85 -7.74
CA THR A 223 20.85 5.05 -8.55
C THR A 223 22.28 5.59 -8.37
N TRP A 224 22.80 6.25 -9.41
CA TRP A 224 24.04 7.01 -9.28
C TRP A 224 23.76 8.51 -9.28
N GLN A 225 24.48 9.21 -8.43
CA GLN A 225 24.36 10.64 -8.38
C GLN A 225 25.68 11.39 -8.45
N LEU A 226 25.59 12.52 -9.11
CA LEU A 226 26.67 13.46 -9.24
C LEU A 226 26.44 14.39 -8.12
N ASN A 227 27.40 14.51 -7.23
CA ASN A 227 27.11 15.36 -6.12
C ASN A 227 25.87 14.75 -5.51
N GLY A 228 24.83 15.56 -5.37
CA GLY A 228 23.58 15.14 -4.82
C GLY A 228 22.45 15.43 -5.75
N GLU A 229 21.36 14.72 -5.60
CA GLU A 229 20.21 15.03 -6.39
C GLU A 229 20.44 14.87 -7.87
N GLU A 230 21.25 13.93 -8.27
CA GLU A 230 21.57 13.77 -9.70
C GLU A 230 20.87 12.53 -10.11
N LEU A 231 19.98 12.62 -11.08
CA LEU A 231 19.39 11.37 -11.55
C LEU A 231 20.08 10.91 -12.83
N ILE A 232 21.35 10.59 -12.68
CA ILE A 232 22.22 10.37 -13.80
C ILE A 232 21.62 9.31 -14.64
N GLN A 233 21.32 9.66 -15.86
CA GLN A 233 20.60 8.82 -16.79
C GLN A 233 21.23 7.61 -17.39
N ASP A 234 22.43 7.73 -17.96
CA ASP A 234 22.94 6.63 -18.76
C ASP A 234 23.76 5.57 -18.05
N MET A 235 23.09 4.97 -17.08
CA MET A 235 23.72 3.91 -16.30
C MET A 235 23.59 2.62 -17.06
N GLU A 236 24.59 1.74 -16.94
CA GLU A 236 24.33 0.35 -17.24
C GLU A 236 23.68 -0.27 -15.98
N LEU A 237 22.84 -1.28 -16.18
CA LEU A 237 21.98 -1.77 -15.11
C LEU A 237 21.73 -3.20 -15.59
N VAL A 238 21.65 -4.16 -14.66
CA VAL A 238 21.33 -5.53 -15.06
C VAL A 238 20.00 -5.77 -14.33
N GLU A 239 19.16 -6.60 -14.92
CA GLU A 239 17.94 -7.05 -14.26
C GLU A 239 18.30 -7.79 -12.99
N THR A 240 17.48 -7.62 -11.96
CA THR A 240 17.66 -8.30 -10.67
C THR A 240 17.66 -9.81 -10.89
N ARG A 241 18.54 -10.52 -10.21
CA ARG A 241 18.77 -11.91 -10.55
C ARG A 241 18.98 -12.70 -9.29
N PRO A 242 18.57 -13.97 -9.30
CA PRO A 242 18.73 -14.80 -8.10
C PRO A 242 20.19 -15.21 -7.90
N ALA A 243 20.66 -15.21 -6.67
CA ALA A 243 22.02 -15.66 -6.41
C ALA A 243 22.07 -17.20 -6.37
N GLY A 244 20.92 -17.81 -6.12
CA GLY A 244 20.84 -19.27 -6.07
C GLY A 244 20.71 -19.82 -4.66
N ASP A 245 20.96 -18.96 -3.66
CA ASP A 245 20.80 -19.34 -2.25
C ASP A 245 19.54 -18.72 -1.61
N GLY A 246 18.59 -18.26 -2.42
CA GLY A 246 17.39 -17.64 -1.88
C GLY A 246 17.43 -16.11 -1.91
N THR A 247 18.61 -15.52 -2.08
CA THR A 247 18.71 -14.05 -2.15
C THR A 247 18.92 -13.56 -3.57
N PHE A 248 18.95 -12.24 -3.72
CA PHE A 248 19.06 -11.58 -5.02
C PHE A 248 20.26 -10.66 -5.16
N GLN A 249 20.55 -10.30 -6.41
CA GLN A 249 21.71 -9.51 -6.78
C GLN A 249 21.27 -8.48 -7.78
N LYS A 250 21.96 -7.33 -7.81
CA LYS A 250 21.74 -6.35 -8.85
C LYS A 250 22.95 -5.43 -8.88
N TRP A 251 23.20 -4.81 -10.03
CA TRP A 251 24.20 -3.73 -10.07
C TRP A 251 23.83 -2.66 -11.06
N ALA A 252 24.37 -1.47 -10.82
CA ALA A 252 24.24 -0.34 -11.74
C ALA A 252 25.63 0.30 -11.84
N SER A 253 26.04 0.64 -13.05
CA SER A 253 27.35 1.25 -13.22
C SER A 253 27.27 2.58 -13.97
N VAL A 254 28.29 3.40 -13.76
CA VAL A 254 28.52 4.59 -14.56
C VAL A 254 29.96 4.65 -15.02
N VAL A 255 30.17 5.30 -16.15
CA VAL A 255 31.51 5.58 -16.61
C VAL A 255 31.83 7.05 -16.32
N VAL A 256 32.95 7.28 -15.65
CA VAL A 256 33.31 8.62 -15.22
C VAL A 256 34.78 8.88 -15.54
N PRO A 257 35.19 10.17 -15.54
CA PRO A 257 36.58 10.51 -15.80
C PRO A 257 37.49 10.08 -14.65
N LEU A 258 38.64 9.52 -15.01
CA LEU A 258 39.69 9.21 -14.03
C LEU A 258 40.01 10.43 -13.18
N GLY A 259 39.99 10.25 -11.86
CA GLY A 259 40.30 11.34 -10.93
C GLY A 259 39.08 12.06 -10.40
N LYS A 260 37.88 11.64 -10.83
CA LYS A 260 36.65 12.30 -10.42
C LYS A 260 35.72 11.35 -9.68
N GLU A 261 36.19 10.12 -9.47
CA GLU A 261 35.38 9.10 -8.82
C GLU A 261 34.77 9.55 -7.50
N GLN A 262 35.46 10.44 -6.77
CA GLN A 262 35.01 10.82 -5.43
C GLN A 262 33.77 11.73 -5.41
N TYR A 263 33.36 12.22 -6.58
CA TYR A 263 32.19 13.08 -6.66
C TYR A 263 30.91 12.29 -6.97
N TYR A 264 31.06 10.99 -7.28
CA TYR A 264 29.91 10.15 -7.60
C TYR A 264 29.42 9.33 -6.42
N THR A 265 28.10 9.24 -6.28
CA THR A 265 27.49 8.57 -5.14
C THR A 265 26.47 7.55 -5.61
N CYS A 266 26.54 6.35 -5.06
CA CYS A 266 25.56 5.31 -5.34
C CYS A 266 24.55 5.23 -4.19
N HIS A 267 23.29 5.04 -4.54
CA HIS A 267 22.21 4.97 -3.55
C HIS A 267 21.43 3.71 -3.76
N VAL A 268 21.13 3.03 -2.66
CA VAL A 268 20.43 1.76 -2.70
C VAL A 268 19.18 1.84 -1.84
N TYR A 269 18.03 1.54 -2.45
CA TYR A 269 16.75 1.64 -1.76
C TYR A 269 16.11 0.27 -1.65
N HIS A 270 15.85 -0.16 -0.42
CA HIS A 270 15.27 -1.50 -0.19
C HIS A 270 14.50 -1.55 1.11
N GLN A 271 13.41 -2.30 1.13
CA GLN A 271 12.51 -2.30 2.28
C GLN A 271 13.17 -2.84 3.55
N GLY A 272 14.27 -3.59 3.39
CA GLY A 272 14.96 -4.12 4.54
C GLY A 272 15.80 -3.10 5.29
N LEU A 273 16.11 -1.99 4.63
CA LEU A 273 17.04 -1.02 5.20
C LEU A 273 16.36 -0.02 6.15
N PRO A 274 17.00 0.27 7.28
CA PRO A 274 16.48 1.31 8.19
C PRO A 274 16.40 2.65 7.46
N GLU A 275 17.28 2.82 6.48
CA GLU A 275 17.24 3.98 5.59
C GLU A 275 18.10 3.71 4.36
N PRO A 276 17.89 4.49 3.28
CA PRO A 276 18.62 4.27 2.02
C PRO A 276 20.13 4.29 2.22
N LEU A 277 20.83 3.33 1.62
CA LEU A 277 22.30 3.33 1.64
C LEU A 277 22.87 4.34 0.66
N THR A 278 23.98 4.96 1.08
CA THR A 278 24.74 5.86 0.24
C THR A 278 26.16 5.34 0.27
N LEU A 279 26.80 5.26 -0.89
CA LEU A 279 28.20 4.84 -0.90
C LEU A 279 28.98 5.33 -2.11
N ARG A 280 30.30 5.26 -2.01
CA ARG A 280 31.17 5.69 -3.10
C ARG A 280 32.36 4.74 -3.24
N TRP A 281 33.11 4.89 -4.32
CA TRP A 281 34.36 4.16 -4.49
C TRP A 281 35.31 4.45 -3.33
N GLU A 282 35.87 3.40 -2.76
CA GLU A 282 36.81 3.51 -1.64
C GLU A 282 38.22 3.20 -2.13
N PRO A 283 38.98 4.23 -2.52
CA PRO A 283 40.33 4.03 -3.05
C PRO A 283 41.18 3.19 -2.10
N CYS A 284 41.64 2.03 -2.58
CA CYS A 284 42.47 1.14 -1.77
C CYS A 284 41.71 0.64 -0.56
N ILE B 1 1.33 -15.17 -28.69
CA ILE B 1 2.51 -14.30 -28.69
C ILE B 1 3.73 -14.92 -27.98
N GLN B 2 4.85 -15.01 -28.70
CA GLN B 2 6.08 -15.63 -28.20
C GLN B 2 7.16 -14.62 -27.77
N ARG B 3 7.82 -14.94 -26.66
CA ARG B 3 8.83 -14.07 -26.07
CA ARG B 3 8.84 -14.07 -26.09
C ARG B 3 10.20 -14.76 -25.95
N THR B 4 11.23 -14.12 -26.49
CA THR B 4 12.58 -14.68 -26.45
C THR B 4 13.23 -14.52 -25.07
N PRO B 5 14.00 -15.52 -24.64
CA PRO B 5 14.56 -15.45 -23.28
C PRO B 5 15.58 -14.33 -23.08
N LYS B 6 15.57 -13.70 -21.91
CA LYS B 6 16.68 -12.88 -21.49
C LYS B 6 17.63 -13.81 -20.77
N ILE B 7 18.93 -13.50 -20.81
CA ILE B 7 19.92 -14.43 -20.28
C ILE B 7 21.01 -13.68 -19.55
N GLN B 8 21.34 -14.12 -18.34
CA GLN B 8 22.47 -13.56 -17.63
C GLN B 8 23.29 -14.73 -17.13
N VAL B 9 24.60 -14.60 -17.25
CA VAL B 9 25.52 -15.61 -16.75
C VAL B 9 26.42 -14.92 -15.75
N TYR B 10 26.60 -15.52 -14.59
CA TYR B 10 27.29 -14.83 -13.49
C TYR B 10 27.55 -15.79 -12.36
N SER B 11 28.45 -15.40 -11.46
CA SER B 11 28.77 -16.24 -10.32
C SER B 11 27.96 -15.86 -9.10
N ARG B 12 27.79 -16.80 -8.18
CA ARG B 12 27.03 -16.51 -6.99
C ARG B 12 27.77 -15.48 -6.15
N HIS B 13 29.07 -15.70 -5.96
CA HIS B 13 29.91 -14.82 -5.19
C HIS B 13 30.95 -14.18 -6.10
N PRO B 14 31.51 -13.04 -5.67
CA PRO B 14 32.58 -12.41 -6.45
C PRO B 14 33.66 -13.45 -6.75
N ALA B 15 34.03 -13.59 -8.01
CA ALA B 15 34.98 -14.61 -8.41
C ALA B 15 36.36 -14.37 -7.83
N GLU B 16 36.97 -15.43 -7.32
CA GLU B 16 38.38 -15.41 -6.93
C GLU B 16 39.03 -16.67 -7.48
N ASN B 17 40.06 -16.50 -8.30
CA ASN B 17 40.73 -17.66 -8.88
C ASN B 17 41.13 -18.67 -7.80
N GLY B 18 40.79 -19.93 -8.03
CA GLY B 18 41.11 -20.99 -7.09
C GLY B 18 40.09 -21.24 -5.99
N LYS B 19 39.11 -20.34 -5.83
CA LYS B 19 38.08 -20.53 -4.81
C LYS B 19 36.76 -21.07 -5.38
N SER B 20 36.25 -22.11 -4.73
CA SER B 20 35.00 -22.75 -5.15
C SER B 20 33.83 -21.78 -5.07
N ASN B 21 32.91 -21.90 -6.03
CA ASN B 21 31.89 -20.89 -6.26
C ASN B 21 30.76 -21.54 -7.04
N PHE B 22 29.77 -20.77 -7.44
CA PHE B 22 28.67 -21.28 -8.26
C PHE B 22 28.52 -20.44 -9.50
N LEU B 23 28.36 -21.09 -10.64
CA LEU B 23 28.12 -20.42 -11.90
C LEU B 23 26.65 -20.56 -12.22
N ASN B 24 26.01 -19.42 -12.51
CA ASN B 24 24.59 -19.38 -12.78
C ASN B 24 24.32 -18.93 -14.21
N CYS B 25 23.25 -19.48 -14.78
CA CYS B 25 22.69 -18.95 -15.99
C CYS B 25 21.21 -18.74 -15.77
N TYR B 26 20.81 -17.47 -15.70
CA TYR B 26 19.44 -17.13 -15.36
C TYR B 26 18.72 -16.86 -16.65
N VAL B 27 17.68 -17.63 -16.93
CA VAL B 27 16.89 -17.37 -18.12
C VAL B 27 15.47 -17.00 -17.75
N SER B 28 14.98 -15.91 -18.32
CA SER B 28 13.69 -15.38 -17.87
C SER B 28 12.96 -14.65 -18.99
N GLY B 29 11.70 -14.30 -18.73
CA GLY B 29 10.91 -13.50 -19.66
C GLY B 29 10.60 -14.21 -20.97
N PHE B 30 10.64 -15.54 -20.98
CA PHE B 30 10.36 -16.27 -22.24
C PHE B 30 9.00 -16.96 -22.26
N HIS B 31 8.51 -17.23 -23.47
CA HIS B 31 7.26 -17.95 -23.68
C HIS B 31 7.28 -18.50 -25.10
N PRO B 32 6.92 -19.78 -25.30
CA PRO B 32 6.43 -20.75 -24.31
C PRO B 32 7.53 -21.33 -23.43
N SER B 33 7.13 -22.32 -22.63
CA SER B 33 7.97 -22.79 -21.52
C SER B 33 9.14 -23.75 -21.90
N ASP B 34 9.02 -24.45 -23.03
CA ASP B 34 10.11 -25.36 -23.43
C ASP B 34 11.39 -24.56 -23.73
N ILE B 35 12.49 -24.99 -23.13
CA ILE B 35 13.75 -24.29 -23.33
C ILE B 35 14.91 -25.25 -23.04
N GLU B 36 16.03 -25.02 -23.74
CA GLU B 36 17.23 -25.83 -23.56
C GLU B 36 18.39 -24.93 -23.11
N VAL B 37 19.01 -25.32 -22.01
CA VAL B 37 20.08 -24.53 -21.43
C VAL B 37 21.28 -25.44 -21.07
N ASP B 38 22.46 -25.06 -21.56
CA ASP B 38 23.70 -25.73 -21.17
C ASP B 38 24.70 -24.75 -20.62
N LEU B 39 25.36 -25.12 -19.52
CA LEU B 39 26.56 -24.43 -19.10
C LEU B 39 27.77 -25.12 -19.72
N LEU B 40 28.71 -24.31 -20.21
CA LEU B 40 29.87 -24.80 -20.94
C LEU B 40 31.15 -24.33 -20.29
N LYS B 41 32.11 -25.24 -20.25
CA LYS B 41 33.46 -24.92 -19.80
C LYS B 41 34.42 -25.16 -20.96
N ASN B 42 35.13 -24.11 -21.37
CA ASN B 42 35.97 -24.16 -22.56
C ASN B 42 35.30 -24.87 -23.73
N GLY B 43 34.03 -24.53 -24.00
CA GLY B 43 33.33 -25.07 -25.13
C GLY B 43 32.71 -26.45 -24.94
N GLU B 44 32.93 -27.05 -23.77
CA GLU B 44 32.35 -28.36 -23.47
C GLU B 44 31.26 -28.33 -22.41
N ARG B 45 30.15 -29.00 -22.70
CA ARG B 45 29.01 -29.04 -21.80
C ARG B 45 29.44 -29.55 -20.44
N ILE B 46 29.10 -28.81 -19.38
CA ILE B 46 29.30 -29.27 -18.03
C ILE B 46 28.15 -30.22 -17.67
N GLU B 47 28.47 -31.38 -17.11
CA GLU B 47 27.46 -32.42 -16.88
C GLU B 47 26.70 -32.32 -15.53
N LYS B 48 27.41 -31.87 -14.50
CA LYS B 48 26.85 -31.75 -13.16
C LYS B 48 26.07 -30.45 -12.99
N VAL B 49 25.11 -30.20 -13.88
CA VAL B 49 24.33 -28.97 -13.86
C VAL B 49 22.91 -29.20 -13.37
N GLU B 50 22.49 -28.42 -12.39
CA GLU B 50 21.13 -28.49 -11.87
C GLU B 50 20.33 -27.26 -12.25
N HIS B 51 19.01 -27.34 -12.11
CA HIS B 51 18.16 -26.19 -12.39
C HIS B 51 16.97 -26.11 -11.44
N SER B 52 16.48 -24.90 -11.22
CA SER B 52 15.31 -24.69 -10.38
C SER B 52 14.07 -25.28 -11.07
N ASP B 53 13.00 -25.46 -10.32
CA ASP B 53 11.72 -25.82 -10.90
C ASP B 53 11.10 -24.65 -11.66
N LEU B 54 10.36 -24.99 -12.69
CA LEU B 54 9.78 -24.00 -13.58
C LEU B 54 8.77 -23.10 -12.86
N SER B 55 8.91 -21.79 -13.07
CA SER B 55 7.96 -20.82 -12.52
C SER B 55 7.60 -19.83 -13.60
N PHE B 56 6.54 -19.06 -13.35
CA PHE B 56 6.24 -17.93 -14.21
C PHE B 56 5.90 -16.64 -13.46
N SER B 57 6.04 -15.52 -14.16
CA SER B 57 5.86 -14.21 -13.58
C SER B 57 4.49 -13.68 -13.89
N LYS B 58 4.17 -12.52 -13.31
CA LYS B 58 2.86 -11.91 -13.45
C LYS B 58 2.54 -11.49 -14.88
N ASP B 59 3.58 -11.30 -15.69
CA ASP B 59 3.34 -10.97 -17.09
C ASP B 59 3.25 -12.26 -17.92
N TRP B 60 3.16 -13.40 -17.21
CA TRP B 60 2.95 -14.72 -17.82
C TRP B 60 4.18 -15.31 -18.53
N SER B 61 5.35 -14.68 -18.39
CA SER B 61 6.60 -15.24 -18.90
C SER B 61 7.29 -16.15 -17.88
N PHE B 62 7.92 -17.19 -18.38
CA PHE B 62 8.60 -18.17 -17.52
C PHE B 62 10.03 -17.77 -17.18
N TYR B 63 10.55 -18.36 -16.12
CA TYR B 63 11.94 -18.15 -15.74
C TYR B 63 12.48 -19.34 -14.98
N LEU B 64 13.79 -19.55 -15.09
CA LEU B 64 14.47 -20.55 -14.28
C LEU B 64 15.96 -20.28 -14.17
N LEU B 65 16.55 -20.91 -13.17
CA LEU B 65 17.95 -20.78 -12.89
C LEU B 65 18.63 -22.12 -13.14
N TYR B 66 19.64 -22.12 -13.99
CA TYR B 66 20.55 -23.27 -14.14
C TYR B 66 21.83 -22.92 -13.41
N TYR B 67 22.42 -23.87 -12.70
CA TYR B 67 23.59 -23.58 -11.90
C TYR B 67 24.45 -24.78 -11.67
N THR B 68 25.74 -24.55 -11.43
CA THR B 68 26.68 -25.61 -11.14
C THR B 68 27.79 -25.06 -10.25
N GLU B 69 28.31 -25.91 -9.37
CA GLU B 69 29.50 -25.56 -8.62
C GLU B 69 30.71 -25.52 -9.57
N PHE B 70 31.58 -24.53 -9.38
CA PHE B 70 32.82 -24.49 -10.18
C PHE B 70 33.90 -23.73 -9.44
N THR B 71 35.13 -23.86 -9.92
CA THR B 71 36.25 -23.15 -9.35
C THR B 71 36.96 -22.40 -10.46
N PRO B 72 36.70 -21.09 -10.54
CA PRO B 72 37.25 -20.25 -11.61
C PRO B 72 38.77 -20.19 -11.56
N THR B 73 39.39 -20.17 -12.73
CA THR B 73 40.83 -19.92 -12.87
C THR B 73 41.03 -18.76 -13.84
N GLU B 74 42.29 -18.36 -14.02
CA GLU B 74 42.61 -17.26 -14.94
C GLU B 74 42.18 -17.55 -16.37
N LYS B 75 42.42 -18.78 -16.84
CA LYS B 75 42.28 -19.09 -18.25
C LYS B 75 41.01 -19.81 -18.66
N ASP B 76 40.30 -20.43 -17.71
CA ASP B 76 39.07 -21.15 -18.08
C ASP B 76 37.97 -20.19 -18.52
N GLU B 77 37.34 -20.51 -19.66
CA GLU B 77 36.28 -19.68 -20.22
C GLU B 77 34.96 -20.40 -20.01
N TYR B 78 33.97 -19.68 -19.48
CA TYR B 78 32.67 -20.28 -19.21
C TYR B 78 31.60 -19.56 -20.00
N ALA B 79 30.57 -20.29 -20.39
CA ALA B 79 29.48 -19.71 -21.16
C ALA B 79 28.18 -20.44 -20.90
N CYS B 80 27.07 -19.85 -21.35
CA CYS B 80 25.77 -20.47 -21.26
C CYS B 80 25.19 -20.50 -22.66
N ARG B 81 24.63 -21.63 -23.08
CA ARG B 81 24.05 -21.76 -24.41
C ARG B 81 22.56 -22.05 -24.30
N VAL B 82 21.76 -21.26 -24.98
CA VAL B 82 20.32 -21.33 -24.82
C VAL B 82 19.65 -21.53 -26.15
N ASN B 83 18.72 -22.46 -26.19
CA ASN B 83 17.87 -22.62 -27.36
C ASN B 83 16.39 -22.59 -26.96
N HIS B 84 15.56 -22.11 -27.88
CA HIS B 84 14.17 -21.79 -27.62
C HIS B 84 13.56 -21.64 -28.99
N VAL B 85 12.26 -21.88 -29.11
CA VAL B 85 11.57 -21.77 -30.39
C VAL B 85 11.70 -20.37 -31.03
N THR B 86 11.90 -19.32 -30.21
CA THR B 86 12.09 -17.99 -30.77
C THR B 86 13.48 -17.73 -31.34
N LEU B 87 14.42 -18.65 -31.12
CA LEU B 87 15.79 -18.43 -31.59
C LEU B 87 16.10 -19.25 -32.84
N SER B 88 16.57 -18.57 -33.88
CA SER B 88 16.93 -19.25 -35.12
CA SER B 88 16.95 -19.24 -35.13
C SER B 88 18.14 -20.14 -34.87
N GLN B 89 19.01 -19.68 -33.98
CA GLN B 89 20.23 -20.39 -33.62
C GLN B 89 20.35 -20.35 -32.10
N PRO B 90 20.97 -21.38 -31.51
CA PRO B 90 21.28 -21.31 -30.07
C PRO B 90 22.05 -20.04 -29.73
N LYS B 91 21.64 -19.39 -28.65
CA LYS B 91 22.27 -18.16 -28.19
C LYS B 91 23.32 -18.47 -27.14
N ILE B 92 24.53 -17.98 -27.37
CA ILE B 92 25.65 -18.20 -26.45
C ILE B 92 26.00 -16.91 -25.70
N VAL B 93 26.03 -16.98 -24.38
CA VAL B 93 26.40 -15.82 -23.58
C VAL B 93 27.62 -16.19 -22.74
N LYS B 94 28.72 -15.43 -22.92
CA LYS B 94 29.95 -15.70 -22.21
C LYS B 94 29.92 -15.13 -20.79
N TRP B 95 30.58 -15.80 -19.86
CA TRP B 95 30.69 -15.32 -18.50
C TRP B 95 31.78 -14.26 -18.43
N ASP B 96 31.42 -13.08 -17.93
CA ASP B 96 32.38 -12.02 -17.63
C ASP B 96 32.35 -11.81 -16.13
N ARG B 97 33.47 -12.12 -15.47
CA ARG B 97 33.49 -12.18 -14.01
C ARG B 97 33.21 -10.82 -13.36
N ASP B 98 33.36 -9.74 -14.14
CA ASP B 98 33.08 -8.41 -13.63
C ASP B 98 31.62 -7.99 -13.81
N MET B 99 30.76 -8.91 -14.26
CA MET B 99 29.37 -8.54 -14.51
C MET B 99 28.29 -9.49 -13.97
N GLY C 8 9.16 1.94 6.16
CA GLY C 8 8.01 2.65 5.61
C GLY C 8 6.82 1.73 5.46
N PRO C 9 5.74 2.23 4.85
CA PRO C 9 5.61 3.57 4.30
C PRO C 9 5.36 4.65 5.35
N HIS C 10 5.80 5.87 5.07
CA HIS C 10 5.61 6.99 5.98
C HIS C 10 5.29 8.24 5.19
N SER C 11 4.87 9.30 5.89
CA SER C 11 4.48 10.53 5.23
C SER C 11 4.71 11.74 6.13
N LEU C 12 5.03 12.85 5.49
CA LEU C 12 5.14 14.13 6.16
C LEU C 12 4.25 15.09 5.41
N ARG C 13 3.27 15.66 6.11
CA ARG C 13 2.32 16.58 5.48
C ARG C 13 2.03 17.82 6.31
N TYR C 14 1.85 18.93 5.62
CA TYR C 14 1.47 20.18 6.24
C TYR C 14 0.12 20.63 5.72
N PHE C 15 -0.75 20.96 6.67
CA PHE C 15 -2.10 21.46 6.38
C PHE C 15 -2.12 22.92 6.77
N VAL C 16 -2.36 23.79 5.80
CA VAL C 16 -2.32 25.23 6.01
C VAL C 16 -3.70 25.88 5.85
N THR C 17 -4.00 26.84 6.71
CA THR C 17 -5.26 27.57 6.65
C THR C 17 -5.06 29.09 6.82
N ALA C 18 -5.63 29.86 5.91
CA ALA C 18 -5.65 31.30 6.06
C ALA C 18 -7.11 31.73 5.87
N VAL C 19 -7.64 32.45 6.85
CA VAL C 19 -9.04 32.87 6.82
C VAL C 19 -9.14 34.38 7.02
N SER C 20 -9.66 35.09 6.02
CA SER C 20 -9.78 36.54 6.16
C SER C 20 -10.96 36.86 7.06
N ARG C 21 -10.87 37.98 7.78
CA ARG C 21 -12.01 38.41 8.57
C ARG C 21 -12.07 39.93 8.58
N PRO C 22 -12.59 40.49 7.48
CA PRO C 22 -12.58 41.94 7.27
C PRO C 22 -13.35 42.65 8.37
N GLY C 23 -12.80 43.76 8.85
CA GLY C 23 -13.39 44.52 9.94
C GLY C 23 -12.85 44.08 11.29
N LEU C 24 -12.30 42.86 11.34
CA LEU C 24 -11.88 42.27 12.61
C LEU C 24 -10.37 42.08 12.72
N GLY C 25 -9.63 42.59 11.74
CA GLY C 25 -8.18 42.49 11.78
C GLY C 25 -7.60 41.64 10.66
N GLU C 26 -6.35 41.21 10.83
CA GLU C 26 -5.66 40.46 9.80
C GLU C 26 -6.17 39.02 9.75
N PRO C 27 -5.93 38.33 8.63
CA PRO C 27 -6.41 36.95 8.54
C PRO C 27 -5.89 36.07 9.66
N ARG C 28 -6.66 35.03 9.98
CA ARG C 28 -6.19 33.97 10.86
C ARG C 28 -5.31 33.05 10.01
N TYR C 29 -4.11 32.76 10.48
CA TYR C 29 -3.19 31.91 9.74
C TYR C 29 -2.69 30.74 10.59
N MET C 30 -2.74 29.54 10.02
CA MET C 30 -2.33 28.34 10.76
C MET C 30 -1.55 27.37 9.87
N GLU C 31 -0.53 26.74 10.43
CA GLU C 31 0.16 25.63 9.76
C GLU C 31 0.18 24.46 10.73
N VAL C 32 -0.23 23.28 10.28
CA VAL C 32 -0.20 22.10 11.12
C VAL C 32 0.59 20.98 10.42
N GLY C 33 1.59 20.44 11.12
CA GLY C 33 2.39 19.37 10.55
C GLY C 33 2.03 17.99 11.07
N TYR C 34 2.04 16.99 10.17
CA TYR C 34 1.71 15.61 10.53
C TYR C 34 2.79 14.66 10.07
N VAL C 35 3.28 13.83 10.99
CA VAL C 35 4.06 12.67 10.60
C VAL C 35 3.16 11.44 10.71
N ASP C 36 3.01 10.71 9.62
CA ASP C 36 2.14 9.53 9.61
C ASP C 36 0.77 9.82 10.22
N ASP C 37 0.19 10.96 9.84
CA ASP C 37 -1.16 11.35 10.28
C ASP C 37 -1.27 11.69 11.77
N THR C 38 -0.14 11.79 12.45
CA THR C 38 -0.12 12.31 13.82
C THR C 38 0.44 13.73 13.84
N GLU C 39 -0.33 14.68 14.36
CA GLU C 39 0.10 16.06 14.49
C GLU C 39 1.39 16.14 15.32
N PHE C 40 2.41 16.84 14.82
CA PHE C 40 3.67 16.95 15.57
C PHE C 40 4.16 18.39 15.80
N VAL C 41 3.68 19.32 14.99
CA VAL C 41 3.99 20.76 15.16
C VAL C 41 2.77 21.58 14.75
N ARG C 42 2.69 22.80 15.29
CA ARG C 42 1.57 23.67 14.97
C ARG C 42 1.98 25.15 15.12
N PHE C 43 1.60 25.95 14.15
CA PHE C 43 1.71 27.39 14.25
C PHE C 43 0.30 27.96 14.09
N ASP C 44 -0.05 28.93 14.93
CA ASP C 44 -1.38 29.56 14.87
C ASP C 44 -1.23 31.06 15.18
N SER C 45 -1.65 31.92 14.26
CA SER C 45 -1.40 33.35 14.47
C SER C 45 -2.18 33.87 15.65
N ASP C 46 -3.19 33.11 16.06
CA ASP C 46 -4.10 33.58 17.10
C ASP C 46 -3.68 33.16 18.50
N ALA C 47 -2.64 32.37 18.60
CA ALA C 47 -2.16 31.91 19.89
C ALA C 47 -1.62 33.10 20.67
N GLU C 48 -1.62 32.96 22.00
CA GLU C 48 -1.05 33.97 22.89
C GLU C 48 0.27 34.51 22.34
N ASN C 49 1.23 33.60 22.11
CA ASN C 49 2.43 33.95 21.36
C ASN C 49 2.53 33.14 20.06
N PRO C 50 2.43 33.82 18.90
CA PRO C 50 2.44 33.17 17.59
C PRO C 50 3.81 32.60 17.25
N ARG C 51 3.95 31.30 17.40
CA ARG C 51 5.23 30.62 17.24
C ARG C 51 4.99 29.14 16.96
N TYR C 52 5.93 28.50 16.30
CA TYR C 52 5.87 27.05 16.08
C TYR C 52 6.03 26.32 17.39
N GLU C 53 5.14 25.36 17.65
CA GLU C 53 5.17 24.63 18.91
C GLU C 53 5.24 23.14 18.62
N PRO C 54 5.99 22.39 19.45
CA PRO C 54 5.94 20.94 19.39
C PRO C 54 4.56 20.44 19.81
N ARG C 55 4.03 19.45 19.10
CA ARG C 55 2.71 18.91 19.42
C ARG C 55 2.80 17.44 19.83
N ALA C 56 4.02 16.92 19.84
CA ALA C 56 4.30 15.58 20.34
C ALA C 56 5.58 15.65 21.16
N ARG C 57 5.67 14.84 22.21
CA ARG C 57 6.80 14.90 23.13
C ARG C 57 8.16 14.70 22.43
N TRP C 58 8.19 13.84 21.43
CA TRP C 58 9.46 13.55 20.79
C TRP C 58 10.04 14.73 20.00
N MET C 59 9.22 15.74 19.72
CA MET C 59 9.71 16.93 19.01
C MET C 59 10.39 17.93 19.94
N GLU C 60 10.27 17.72 21.25
CA GLU C 60 10.87 18.63 22.20
C GLU C 60 12.39 18.57 22.12
N GLN C 61 12.88 17.54 21.45
CA GLN C 61 14.31 17.33 21.25
C GLN C 61 14.94 18.43 20.40
N GLU C 62 14.22 18.91 19.40
CA GLU C 62 14.76 19.94 18.50
C GLU C 62 15.16 21.20 19.24
N GLY C 63 16.31 21.75 18.87
CA GLY C 63 16.87 22.91 19.54
C GLY C 63 16.23 24.21 19.09
N PRO C 64 16.61 25.31 19.75
CA PRO C 64 16.00 26.64 19.57
C PRO C 64 16.10 27.19 18.16
N GLU C 65 17.17 26.88 17.44
CA GLU C 65 17.36 27.38 16.07
C GLU C 65 16.29 26.81 15.13
N TYR C 66 15.94 25.55 15.33
CA TYR C 66 14.86 24.96 14.56
C TYR C 66 13.56 25.74 14.74
N TRP C 67 13.15 25.89 15.99
CA TRP C 67 11.92 26.61 16.31
C TRP C 67 11.93 28.03 15.76
N GLU C 68 13.07 28.71 15.87
CA GLU C 68 13.19 30.07 15.37
C GLU C 68 13.03 30.12 13.85
N ARG C 69 13.76 29.23 13.16
CA ARG C 69 13.74 29.23 11.71
C ARG C 69 12.35 28.91 11.16
N GLU C 70 11.71 27.87 11.69
CA GLU C 70 10.38 27.51 11.25
C GLU C 70 9.36 28.60 11.59
N THR C 71 9.49 29.20 12.76
CA THR C 71 8.61 30.32 13.10
C THR C 71 8.73 31.42 12.05
N GLN C 72 9.96 31.79 11.72
CA GLN C 72 10.16 32.84 10.72
C GLN C 72 9.59 32.50 9.36
N LYS C 73 9.75 31.25 8.91
CA LYS C 73 9.11 30.82 7.68
C LYS C 73 7.59 30.96 7.74
N ALA C 74 7.00 30.52 8.86
CA ALA C 74 5.55 30.65 9.05
C ALA C 74 5.13 32.11 8.93
N LYS C 75 5.90 33.00 9.54
CA LYS C 75 5.57 34.43 9.47
C LYS C 75 5.67 34.96 8.05
N GLY C 76 6.66 34.49 7.30
CA GLY C 76 6.76 34.82 5.89
C GLY C 76 5.61 34.24 5.09
N ASN C 77 5.31 32.97 5.33
CA ASN C 77 4.16 32.34 4.66
C ASN C 77 2.87 33.09 4.96
N GLU C 78 2.67 33.45 6.23
CA GLU C 78 1.51 34.22 6.65
C GLU C 78 1.35 35.50 5.81
N GLN C 79 2.43 36.26 5.65
CA GLN C 79 2.39 37.49 4.87
C GLN C 79 2.00 37.20 3.42
N SER C 80 2.55 36.11 2.90
CA SER C 80 2.31 35.73 1.53
C SER C 80 0.83 35.36 1.30
N PHE C 81 0.23 34.63 2.25
CA PHE C 81 -1.20 34.32 2.13
C PHE C 81 -2.14 35.53 2.29
N ARG C 82 -1.71 36.54 3.04
CA ARG C 82 -2.50 37.78 3.12
C ARG C 82 -2.64 38.36 1.73
N VAL C 83 -1.53 38.39 1.01
CA VAL C 83 -1.54 38.89 -0.36
C VAL C 83 -2.43 37.99 -1.25
N ASP C 84 -2.27 36.67 -1.14
CA ASP C 84 -3.09 35.73 -1.93
C ASP C 84 -4.58 35.96 -1.73
N LEU C 85 -5.00 36.15 -0.48
CA LEU C 85 -6.41 36.40 -0.17
C LEU C 85 -6.95 37.61 -0.96
N ARG C 86 -6.17 38.70 -1.02
CA ARG C 86 -6.55 39.84 -1.84
C ARG C 86 -6.54 39.52 -3.34
N THR C 87 -5.51 38.79 -3.79
CA THR C 87 -5.44 38.42 -5.19
C THR C 87 -6.69 37.66 -5.63
N LEU C 88 -7.09 36.69 -4.83
CA LEU C 88 -8.27 35.88 -5.16
C LEU C 88 -9.56 36.71 -5.20
N LEU C 89 -9.65 37.71 -4.34
CA LEU C 89 -10.73 38.67 -4.36
C LEU C 89 -10.84 39.27 -5.76
N GLY C 90 -9.72 39.68 -6.33
CA GLY C 90 -9.69 40.21 -7.67
C GLY C 90 -10.05 39.18 -8.73
N TYR C 91 -9.41 38.02 -8.69
CA TYR C 91 -9.70 36.96 -9.66
C TYR C 91 -11.20 36.64 -9.72
N TYR C 92 -11.84 36.54 -8.54
CA TYR C 92 -13.25 36.17 -8.50
C TYR C 92 -14.18 37.37 -8.42
N ASN C 93 -13.61 38.57 -8.54
CA ASN C 93 -14.40 39.79 -8.45
C ASN C 93 -15.34 39.73 -7.23
N GLN C 94 -14.78 39.49 -6.05
CA GLN C 94 -15.54 39.48 -4.79
C GLN C 94 -15.26 40.74 -3.97
N SER C 95 -16.18 41.09 -3.08
CA SER C 95 -16.05 42.34 -2.32
C SER C 95 -15.05 42.23 -1.17
N LYS C 96 -14.49 43.37 -0.78
CA LYS C 96 -13.55 43.42 0.33
C LYS C 96 -14.16 43.00 1.67
N GLY C 97 -15.49 42.97 1.75
CA GLY C 97 -16.18 42.76 3.01
C GLY C 97 -16.35 41.32 3.49
N GLY C 98 -16.32 40.37 2.58
CA GLY C 98 -16.57 38.98 2.92
C GLY C 98 -15.38 38.22 3.51
N SER C 99 -15.67 37.18 4.28
CA SER C 99 -14.64 36.30 4.84
C SER C 99 -14.36 35.13 3.88
N HIS C 100 -13.09 34.87 3.57
CA HIS C 100 -12.76 33.78 2.65
C HIS C 100 -11.60 32.93 3.16
N THR C 101 -11.42 31.75 2.55
CA THR C 101 -10.50 30.75 3.09
C THR C 101 -9.63 30.13 2.02
N ILE C 102 -8.33 30.16 2.27
CA ILE C 102 -7.39 29.38 1.50
C ILE C 102 -6.88 28.26 2.38
N GLN C 103 -6.86 27.06 1.83
CA GLN C 103 -6.27 25.88 2.46
C GLN C 103 -5.29 25.27 1.50
N VAL C 104 -4.22 24.70 2.05
CA VAL C 104 -3.23 23.98 1.28
C VAL C 104 -2.87 22.67 1.97
N ILE C 105 -2.64 21.62 1.19
CA ILE C 105 -2.02 20.42 1.74
C ILE C 105 -0.72 20.18 0.97
N SER C 106 0.38 20.09 1.70
CA SER C 106 1.70 19.90 1.07
C SER C 106 2.44 18.79 1.78
N GLY C 107 3.08 17.91 1.00
CA GLY C 107 3.92 16.89 1.60
C GLY C 107 4.21 15.69 0.75
N CYS C 108 4.84 14.70 1.38
CA CYS C 108 5.36 13.54 0.69
C CYS C 108 4.93 12.26 1.38
N GLU C 109 4.61 11.25 0.59
CA GLU C 109 4.44 9.89 1.10
C GLU C 109 5.57 9.06 0.53
N VAL C 110 6.35 8.43 1.41
CA VAL C 110 7.47 7.65 0.96
C VAL C 110 7.17 6.17 1.21
N GLY C 111 7.66 5.34 0.30
CA GLY C 111 7.49 3.90 0.42
C GLY C 111 8.47 3.30 1.41
N SER C 112 8.33 2.01 1.64
CA SER C 112 9.22 1.30 2.55
C SER C 112 10.68 1.32 2.10
N ASP C 113 10.93 1.51 0.80
CA ASP C 113 12.31 1.58 0.29
C ASP C 113 12.90 2.99 0.45
N GLY C 114 12.11 3.90 1.01
CA GLY C 114 12.59 5.25 1.28
C GLY C 114 12.47 6.22 0.11
N ARG C 115 11.82 5.77 -0.96
CA ARG C 115 11.66 6.61 -2.14
C ARG C 115 10.29 7.23 -2.15
N LEU C 116 10.17 8.44 -2.71
CA LEU C 116 8.91 9.15 -2.77
C LEU C 116 7.89 8.31 -3.52
N LEU C 117 6.73 8.10 -2.92
CA LEU C 117 5.60 7.47 -3.59
C LEU C 117 4.72 8.50 -4.28
N ARG C 118 4.39 9.57 -3.55
CA ARG C 118 3.70 10.71 -4.13
C ARG C 118 3.92 12.00 -3.38
N GLY C 119 4.01 13.07 -4.14
CA GLY C 119 4.17 14.39 -3.59
C GLY C 119 2.85 15.11 -3.79
N TYR C 120 2.56 16.00 -2.86
CA TYR C 120 1.27 16.68 -2.84
C TYR C 120 1.53 18.17 -2.72
N GLN C 121 0.85 18.94 -3.56
CA GLN C 121 0.76 20.38 -3.41
C GLN C 121 -0.62 20.78 -3.91
N GLN C 122 -1.56 20.90 -2.98
CA GLN C 122 -2.98 21.04 -3.33
C GLN C 122 -3.60 22.25 -2.61
N TYR C 123 -4.25 23.11 -3.38
CA TYR C 123 -4.88 24.32 -2.85
C TYR C 123 -6.39 24.26 -2.94
N ALA C 124 -7.07 24.90 -1.99
CA ALA C 124 -8.52 25.05 -2.06
C ALA C 124 -8.89 26.50 -1.72
N TYR C 125 -9.98 26.98 -2.29
CA TYR C 125 -10.46 28.32 -1.99
C TYR C 125 -11.91 28.16 -1.60
N ASP C 126 -12.26 28.67 -0.43
CA ASP C 126 -13.60 28.52 0.11
C ASP C 126 -14.08 27.07 0.08
N GLY C 127 -13.18 26.15 0.39
CA GLY C 127 -13.54 24.75 0.56
C GLY C 127 -13.65 23.95 -0.74
N ARG C 128 -13.25 24.55 -1.85
CA ARG C 128 -13.39 23.92 -3.15
C ARG C 128 -12.02 23.85 -3.83
N ASP C 129 -11.70 22.72 -4.48
CA ASP C 129 -10.40 22.58 -5.16
C ASP C 129 -10.08 23.81 -6.00
N TYR C 130 -8.87 24.33 -5.87
CA TYR C 130 -8.45 25.47 -6.68
C TYR C 130 -7.36 25.07 -7.69
N ILE C 131 -6.25 24.56 -7.20
CA ILE C 131 -5.18 24.06 -8.09
C ILE C 131 -4.37 22.97 -7.39
N ALA C 132 -3.74 22.11 -8.17
CA ALA C 132 -2.99 21.00 -7.59
C ALA C 132 -1.85 20.59 -8.50
N LEU C 133 -0.74 20.21 -7.89
CA LEU C 133 0.36 19.66 -8.64
C LEU C 133 0.03 18.21 -9.02
N ASN C 134 0.12 17.89 -10.32
CA ASN C 134 -0.15 16.53 -10.78
C ASN C 134 0.90 15.52 -10.29
N GLU C 135 0.54 14.24 -10.32
CA GLU C 135 1.44 13.19 -9.89
C GLU C 135 2.83 13.22 -10.55
N ASP C 136 2.90 13.71 -11.79
CA ASP C 136 4.19 13.80 -12.49
C ASP C 136 5.12 14.83 -11.83
N LEU C 137 4.57 15.66 -10.97
CA LEU C 137 5.30 16.76 -10.35
C LEU C 137 5.88 17.75 -11.36
N LYS C 138 5.21 17.87 -12.51
CA LYS C 138 5.66 18.77 -13.56
C LYS C 138 4.56 19.70 -14.05
N THR C 139 3.31 19.24 -13.98
CA THR C 139 2.19 19.99 -14.52
C THR C 139 1.12 20.24 -13.46
N TRP C 140 0.28 21.23 -13.73
CA TRP C 140 -0.77 21.63 -12.79
C TRP C 140 -2.17 21.32 -13.29
N THR C 141 -3.07 21.02 -12.37
CA THR C 141 -4.48 20.94 -12.70
C THR C 141 -5.23 22.10 -12.08
N ALA C 142 -5.69 23.03 -12.90
CA ALA C 142 -6.52 24.16 -12.45
C ALA C 142 -7.99 23.79 -12.44
N ALA C 143 -8.70 24.11 -11.35
CA ALA C 143 -10.09 23.71 -11.21
C ALA C 143 -11.06 24.66 -11.92
N ASP C 144 -10.61 25.88 -12.23
CA ASP C 144 -11.47 26.86 -12.87
C ASP C 144 -10.66 27.96 -13.51
N MET C 145 -11.34 28.94 -14.08
CA MET C 145 -10.65 29.95 -14.87
C MET C 145 -9.75 30.87 -14.04
N ALA C 146 -10.12 31.07 -12.78
CA ALA C 146 -9.28 31.83 -11.86
C ALA C 146 -7.94 31.12 -11.67
N ALA C 147 -8.00 29.83 -11.38
CA ALA C 147 -6.81 29.03 -11.17
C ALA C 147 -5.91 28.98 -12.42
N LEU C 148 -6.50 29.26 -13.58
CA LEU C 148 -5.75 29.29 -14.84
C LEU C 148 -4.75 30.45 -14.83
N ILE C 149 -5.13 31.54 -14.18
CA ILE C 149 -4.23 32.68 -14.02
C ILE C 149 -3.00 32.27 -13.20
N THR C 150 -3.27 31.61 -12.07
CA THR C 150 -2.21 31.09 -11.20
C THR C 150 -1.35 30.06 -11.95
N LYS C 151 -2.01 29.14 -12.66
CA LYS C 151 -1.29 28.13 -13.42
C LYS C 151 -0.28 28.80 -14.38
N HIS C 152 -0.73 29.83 -15.09
CA HIS C 152 0.17 30.54 -16.01
C HIS C 152 1.36 31.20 -15.31
N LYS C 153 1.10 31.89 -14.20
CA LYS C 153 2.15 32.50 -13.39
C LYS C 153 3.21 31.48 -13.00
N TRP C 154 2.75 30.38 -12.41
CA TRP C 154 3.63 29.34 -11.91
C TRP C 154 4.40 28.63 -12.99
N GLU C 155 3.79 28.47 -14.16
CA GLU C 155 4.50 27.91 -15.29
C GLU C 155 5.67 28.82 -15.65
N GLN C 156 5.43 30.12 -15.66
CA GLN C 156 6.47 31.10 -15.98
C GLN C 156 7.59 31.10 -14.95
N ALA C 157 7.24 30.87 -13.69
CA ALA C 157 8.22 30.95 -12.61
C ALA C 157 8.94 29.63 -12.30
N GLY C 158 8.65 28.58 -13.07
CA GLY C 158 9.19 27.25 -12.80
C GLY C 158 8.82 26.75 -11.41
N GLU C 159 7.63 27.10 -10.95
CA GLU C 159 7.16 26.69 -9.63
C GLU C 159 7.11 25.17 -9.49
N ALA C 160 6.67 24.46 -10.53
CA ALA C 160 6.57 23.00 -10.46
C ALA C 160 7.90 22.35 -10.12
N GLU C 161 8.96 22.89 -10.71
CA GLU C 161 10.32 22.36 -10.53
C GLU C 161 10.85 22.66 -9.13
N ARG C 162 10.55 23.85 -8.62
CA ARG C 162 10.88 24.21 -7.25
C ARG C 162 10.18 23.26 -6.26
N LEU C 163 8.89 23.02 -6.47
CA LEU C 163 8.16 22.09 -5.60
C LEU C 163 8.67 20.65 -5.70
N ARG C 164 8.94 20.19 -6.92
CA ARG C 164 9.46 18.84 -7.10
C ARG C 164 10.75 18.63 -6.30
N ALA C 165 11.62 19.64 -6.31
CA ALA C 165 12.86 19.57 -5.54
C ALA C 165 12.57 19.47 -4.04
N TYR C 166 11.61 20.27 -3.58
CA TYR C 166 11.16 20.17 -2.19
C TYR C 166 10.59 18.80 -1.86
N LEU C 167 9.64 18.33 -2.67
CA LEU C 167 8.94 17.09 -2.38
C LEU C 167 9.82 15.84 -2.46
N GLU C 168 10.78 15.82 -3.38
CA GLU C 168 11.64 14.65 -3.56
C GLU C 168 12.86 14.67 -2.64
N GLY C 169 13.30 15.88 -2.27
CA GLY C 169 14.51 16.03 -1.47
C GLY C 169 14.23 16.43 -0.04
N THR C 170 14.12 17.74 0.19
CA THR C 170 13.85 18.33 1.49
C THR C 170 12.81 17.56 2.31
N CYS C 171 11.63 17.40 1.74
CA CYS C 171 10.51 16.78 2.48
C CYS C 171 10.87 15.36 2.93
N VAL C 172 11.38 14.58 1.99
CA VAL C 172 11.75 13.21 2.26
C VAL C 172 12.84 13.13 3.34
N GLU C 173 13.82 14.03 3.25
CA GLU C 173 14.92 14.07 4.23
C GLU C 173 14.50 14.48 5.64
N TRP C 174 13.65 15.50 5.74
CA TRP C 174 13.06 15.89 7.03
C TRP C 174 12.22 14.77 7.62
N LEU C 175 11.40 14.12 6.79
CA LEU C 175 10.61 12.98 7.28
C LEU C 175 11.55 11.95 7.91
N ARG C 176 12.62 11.61 7.21
CA ARG C 176 13.57 10.64 7.73
C ARG C 176 14.11 11.10 9.10
N ARG C 177 14.48 12.38 9.18
CA ARG C 177 14.96 12.95 10.43
C ARG C 177 13.93 12.88 11.55
N TYR C 178 12.70 13.32 11.25
CA TYR C 178 11.61 13.29 12.24
C TYR C 178 11.33 11.87 12.74
N LEU C 179 11.41 10.90 11.84
CA LEU C 179 11.15 9.51 12.19
C LEU C 179 12.17 8.97 13.18
N LYS C 180 13.41 9.44 13.08
CA LYS C 180 14.44 9.07 14.05
C LYS C 180 14.02 9.40 15.49
N ASN C 181 13.58 10.65 15.71
CA ASN C 181 13.16 11.09 17.04
C ASN C 181 11.91 10.37 17.55
N GLY C 182 10.88 10.35 16.70
CA GLY C 182 9.57 9.84 17.06
C GLY C 182 9.16 8.49 16.50
N ASN C 183 10.12 7.73 15.98
CA ASN C 183 9.78 6.46 15.35
C ASN C 183 9.10 5.49 16.33
N ALA C 184 9.62 5.44 17.55
CA ALA C 184 9.12 4.55 18.60
C ALA C 184 7.70 4.87 18.98
N THR C 185 7.46 6.16 19.06
CA THR C 185 6.19 6.76 19.33
C THR C 185 5.13 6.57 18.27
N LEU C 186 5.50 6.70 17.01
CA LEU C 186 4.57 6.67 15.92
C LEU C 186 4.07 5.27 15.79
N LEU C 187 4.81 4.42 16.45
CA LEU C 187 4.59 3.01 16.42
C LEU C 187 3.27 2.61 16.97
N ARG C 188 2.85 3.30 18.00
CA ARG C 188 1.76 2.88 18.81
C ARG C 188 0.50 2.58 18.05
N THR C 189 -0.06 1.46 18.42
CA THR C 189 -1.35 1.10 18.04
C THR C 189 -1.96 0.55 19.31
N ASP C 190 -3.25 0.79 19.45
CA ASP C 190 -4.07 0.27 20.53
C ASP C 190 -5.15 -0.54 19.86
N SER C 191 -5.21 -1.83 20.19
CA SER C 191 -6.26 -2.66 19.64
C SER C 191 -7.61 -2.31 20.28
N PRO C 192 -8.69 -2.46 19.51
CA PRO C 192 -10.04 -2.21 20.03
C PRO C 192 -10.43 -3.23 21.08
N LYS C 193 -11.15 -2.79 22.11
CA LYS C 193 -11.83 -3.68 23.05
C LYS C 193 -13.31 -3.60 22.69
N ALA C 194 -13.93 -4.77 22.50
CA ALA C 194 -15.28 -4.80 21.94
C ALA C 194 -16.25 -5.59 22.80
N HIS C 195 -17.51 -5.16 22.77
CA HIS C 195 -18.59 -5.83 23.48
C HIS C 195 -19.92 -5.57 22.78
N VAL C 196 -20.89 -6.43 23.01
CA VAL C 196 -22.21 -6.25 22.42
C VAL C 196 -23.20 -5.86 23.50
N THR C 197 -23.98 -4.83 23.25
CA THR C 197 -25.03 -4.43 24.16
C THR C 197 -26.37 -4.79 23.55
N HIS C 198 -27.38 -4.87 24.40
CA HIS C 198 -28.68 -5.41 24.06
C HIS C 198 -29.75 -4.41 24.51
N HIS C 199 -30.58 -3.94 23.58
CA HIS C 199 -31.65 -2.98 23.91
C HIS C 199 -33.03 -3.41 23.42
N SER C 200 -33.92 -3.72 24.36
CA SER C 200 -35.28 -4.12 24.01
C SER C 200 -35.98 -3.03 23.21
N ARG C 201 -36.68 -3.45 22.16
CA ARG C 201 -37.53 -2.55 21.39
C ARG C 201 -38.96 -3.07 21.49
N PRO C 202 -39.95 -2.19 21.24
CA PRO C 202 -41.36 -2.58 21.25
C PRO C 202 -41.63 -3.79 20.35
N GLU C 203 -42.74 -4.47 20.61
CA GLU C 203 -43.24 -5.51 19.72
C GLU C 203 -42.20 -6.59 19.39
N ASP C 204 -41.55 -7.08 20.45
CA ASP C 204 -40.65 -8.23 20.42
C ASP C 204 -39.41 -8.07 19.51
N LYS C 205 -38.85 -6.87 19.48
CA LYS C 205 -37.60 -6.62 18.76
C LYS C 205 -36.46 -6.29 19.71
N VAL C 206 -35.23 -6.46 19.23
CA VAL C 206 -34.04 -6.22 20.06
C VAL C 206 -33.00 -5.49 19.24
N THR C 207 -32.44 -4.41 19.78
CA THR C 207 -31.26 -3.80 19.17
C THR C 207 -30.00 -4.45 19.74
N LEU C 208 -29.16 -5.00 18.84
CA LEU C 208 -27.83 -5.47 19.23
C LEU C 208 -26.81 -4.45 18.76
N ARG C 209 -26.07 -3.88 19.70
CA ARG C 209 -25.08 -2.87 19.34
C ARG C 209 -23.67 -3.36 19.63
N CYS C 210 -22.84 -3.43 18.58
CA CYS C 210 -21.46 -3.86 18.69
C CYS C 210 -20.54 -2.65 18.83
N TRP C 211 -19.86 -2.56 19.97
CA TRP C 211 -19.01 -1.42 20.30
C TRP C 211 -17.54 -1.75 20.13
N ALA C 212 -16.79 -0.84 19.51
CA ALA C 212 -15.34 -0.94 19.54
C ALA C 212 -14.81 0.30 20.24
N LEU C 213 -14.00 0.12 21.27
CA LEU C 213 -13.53 1.24 22.07
C LEU C 213 -12.02 1.20 22.29
N GLY C 214 -11.43 2.36 22.50
CA GLY C 214 -10.05 2.43 22.95
C GLY C 214 -9.04 2.05 21.91
N PHE C 215 -9.39 2.21 20.64
CA PHE C 215 -8.47 1.81 19.57
C PHE C 215 -7.77 2.99 18.90
N TYR C 216 -6.58 2.69 18.36
CA TYR C 216 -5.78 3.65 17.62
C TYR C 216 -4.86 2.87 16.66
N PRO C 217 -4.73 3.33 15.42
CA PRO C 217 -5.37 4.51 14.84
C PRO C 217 -6.84 4.28 14.51
N ALA C 218 -7.45 5.30 13.89
CA ALA C 218 -8.90 5.39 13.75
C ALA C 218 -9.49 4.38 12.75
N ASP C 219 -8.71 4.00 11.76
CA ASP C 219 -9.18 3.09 10.72
C ASP C 219 -9.67 1.78 11.33
N ILE C 220 -10.90 1.43 11.01
CA ILE C 220 -11.51 0.24 11.58
C ILE C 220 -12.71 -0.14 10.74
N THR C 221 -13.08 -1.42 10.79
CA THR C 221 -14.31 -1.87 10.17
C THR C 221 -15.11 -2.73 11.16
N LEU C 222 -16.41 -2.47 11.26
CA LEU C 222 -17.30 -3.34 12.05
C LEU C 222 -18.35 -3.90 11.13
N THR C 223 -18.67 -5.18 11.28
CA THR C 223 -19.73 -5.81 10.49
C THR C 223 -20.59 -6.71 11.36
N TRP C 224 -21.82 -6.92 10.92
CA TRP C 224 -22.69 -7.92 11.50
C TRP C 224 -22.92 -9.06 10.51
N GLN C 225 -22.97 -10.26 11.03
CA GLN C 225 -23.27 -11.45 10.25
C GLN C 225 -24.37 -12.30 10.85
N LEU C 226 -25.06 -12.99 9.95
CA LEU C 226 -26.04 -14.01 10.25
C LEU C 226 -25.65 -15.25 9.44
N ASN C 227 -25.39 -16.35 10.12
CA ASN C 227 -24.99 -17.60 9.48
C ASN C 227 -23.68 -17.50 8.75
N GLY C 228 -22.80 -16.71 9.31
CA GLY C 228 -21.45 -16.69 8.88
C GLY C 228 -21.11 -16.08 7.55
N GLU C 229 -21.64 -16.61 6.48
CA GLU C 229 -21.17 -16.01 5.27
C GLU C 229 -21.71 -14.63 5.28
N GLU C 230 -22.89 -14.52 5.83
CA GLU C 230 -23.67 -13.36 5.55
C GLU C 230 -23.46 -12.07 6.35
N LEU C 231 -22.80 -11.12 5.68
CA LEU C 231 -22.65 -9.76 6.13
C LEU C 231 -23.97 -9.16 5.85
N ILE C 232 -24.40 -8.20 6.66
CA ILE C 232 -25.74 -7.72 6.62
C ILE C 232 -25.84 -6.29 6.14
N GLN C 233 -26.91 -5.95 5.46
CA GLN C 233 -27.11 -4.70 4.72
C GLN C 233 -27.61 -3.50 5.55
N ASP C 234 -28.73 -3.68 6.26
CA ASP C 234 -29.36 -2.56 6.98
C ASP C 234 -28.92 -2.36 8.45
N MET C 235 -27.65 -2.00 8.63
CA MET C 235 -27.12 -1.70 9.96
C MET C 235 -27.06 -0.20 10.16
N GLU C 236 -27.14 0.23 11.40
CA GLU C 236 -26.80 1.55 11.76
C GLU C 236 -25.37 1.53 12.21
N LEU C 237 -24.60 2.47 11.70
CA LEU C 237 -23.17 2.60 11.91
C LEU C 237 -23.13 4.02 12.45
N VAL C 238 -22.07 4.43 13.14
CA VAL C 238 -21.81 5.84 13.47
C VAL C 238 -20.46 5.99 12.85
N GLU C 239 -20.07 7.24 12.62
CA GLU C 239 -18.77 7.62 12.12
C GLU C 239 -17.83 7.47 13.26
N THR C 240 -16.64 7.04 12.98
CA THR C 240 -15.60 6.89 13.99
C THR C 240 -15.35 8.23 14.67
N ARG C 241 -15.18 8.22 15.98
CA ARG C 241 -15.17 9.45 16.73
C ARG C 241 -14.13 9.38 17.84
N PRO C 242 -13.50 10.54 18.14
CA PRO C 242 -12.46 10.53 19.17
C PRO C 242 -13.04 10.39 20.57
N ALA C 243 -12.41 9.60 21.43
CA ALA C 243 -12.87 9.46 22.81
C ALA C 243 -12.47 10.68 23.62
N GLY C 244 -11.42 11.35 23.17
CA GLY C 244 -10.92 12.52 23.88
C GLY C 244 -9.61 12.25 24.61
N ASP C 245 -9.26 10.98 24.76
CA ASP C 245 -8.02 10.60 25.44
C ASP C 245 -6.96 10.11 24.46
N GLY C 246 -7.15 10.39 23.18
CA GLY C 246 -6.20 9.93 22.18
C GLY C 246 -6.68 8.70 21.41
N THR C 247 -7.68 7.98 21.94
CA THR C 247 -8.22 6.81 21.23
C THR C 247 -9.54 7.11 20.53
N PHE C 248 -10.06 6.10 19.85
CA PHE C 248 -11.28 6.24 19.04
C PHE C 248 -12.37 5.24 19.40
N GLN C 249 -13.58 5.56 18.97
CA GLN C 249 -14.77 4.75 19.26
C GLN C 249 -15.55 4.54 17.98
N LYS C 250 -16.32 3.47 17.93
CA LYS C 250 -17.24 3.27 16.83
C LYS C 250 -18.25 2.20 17.23
N TRP C 251 -19.43 2.23 16.63
CA TRP C 251 -20.38 1.14 16.82
C TRP C 251 -21.21 0.87 15.58
N ALA C 252 -21.71 -0.36 15.50
CA ALA C 252 -22.63 -0.75 14.44
C ALA C 252 -23.72 -1.57 15.09
N SER C 253 -24.96 -1.31 14.72
CA SER C 253 -26.06 -2.05 15.31
C SER C 253 -26.97 -2.72 14.27
N VAL C 254 -27.64 -3.77 14.72
CA VAL C 254 -28.71 -4.40 13.94
C VAL C 254 -29.95 -4.58 14.82
N VAL C 255 -31.10 -4.58 14.16
CA VAL C 255 -32.32 -4.91 14.86
C VAL C 255 -32.72 -6.33 14.47
N VAL C 256 -32.95 -7.17 15.47
CA VAL C 256 -33.24 -8.58 15.24
C VAL C 256 -34.43 -9.02 16.06
N PRO C 257 -35.02 -10.18 15.70
CA PRO C 257 -36.15 -10.71 16.48
C PRO C 257 -35.72 -11.19 17.87
N LEU C 258 -36.54 -10.89 18.86
CA LEU C 258 -36.33 -11.39 20.21
C LEU C 258 -36.23 -12.91 20.19
N GLY C 259 -35.20 -13.45 20.83
CA GLY C 259 -35.00 -14.89 20.87
C GLY C 259 -34.06 -15.43 19.80
N LYS C 260 -33.57 -14.54 18.93
CA LYS C 260 -32.71 -14.95 17.82
C LYS C 260 -31.33 -14.33 17.93
N GLU C 261 -31.09 -13.58 19.00
CA GLU C 261 -29.83 -12.87 19.19
C GLU C 261 -28.60 -13.77 19.04
N GLN C 262 -28.72 -15.04 19.41
CA GLN C 262 -27.56 -15.93 19.42
C GLN C 262 -27.06 -16.34 18.03
N TYR C 263 -27.84 -16.03 16.99
CA TYR C 263 -27.44 -16.37 15.62
C TYR C 263 -26.68 -15.23 14.93
N TYR C 264 -26.63 -14.07 15.58
CA TYR C 264 -25.94 -12.91 15.02
C TYR C 264 -24.53 -12.72 15.57
N THR C 265 -23.61 -12.38 14.66
CA THR C 265 -22.20 -12.29 15.00
C THR C 265 -21.66 -10.93 14.58
N CYS C 266 -20.92 -10.30 15.48
CA CYS C 266 -20.24 -9.04 15.15
C CYS C 266 -18.76 -9.29 14.92
N HIS C 267 -18.20 -8.63 13.92
CA HIS C 267 -16.80 -8.79 13.56
C HIS C 267 -16.11 -7.44 13.54
N VAL C 268 -14.91 -7.41 14.09
CA VAL C 268 -14.17 -6.17 14.20
C VAL C 268 -12.80 -6.33 13.57
N TYR C 269 -12.48 -5.50 12.59
CA TYR C 269 -11.21 -5.59 11.87
C TYR C 269 -10.36 -4.37 12.15
N HIS C 270 -9.15 -4.58 12.67
CA HIS C 270 -8.26 -3.47 13.04
C HIS C 270 -6.80 -3.92 13.03
N GLN C 271 -5.92 -3.02 12.63
CA GLN C 271 -4.52 -3.39 12.40
C GLN C 271 -3.83 -3.79 13.70
N GLY C 272 -4.41 -3.40 14.83
CA GLY C 272 -3.84 -3.73 16.12
C GLY C 272 -4.11 -5.15 16.58
N LEU C 273 -5.08 -5.80 15.96
CA LEU C 273 -5.48 -7.15 16.35
C LEU C 273 -4.62 -8.27 15.71
N PRO C 274 -4.22 -9.27 16.51
CA PRO C 274 -3.53 -10.44 15.95
C PRO C 274 -4.41 -11.11 14.90
N GLU C 275 -5.72 -11.02 15.07
CA GLU C 275 -6.69 -11.47 14.06
C GLU C 275 -8.05 -10.85 14.35
N PRO C 276 -8.95 -10.83 13.34
CA PRO C 276 -10.28 -10.20 13.49
C PRO C 276 -11.04 -10.74 14.70
N LEU C 277 -11.64 -9.84 15.48
CA LEU C 277 -12.49 -10.25 16.60
C LEU C 277 -13.85 -10.71 16.09
N THR C 278 -14.37 -11.72 16.75
CA THR C 278 -15.73 -12.20 16.54
C THR C 278 -16.43 -12.17 17.89
N LEU C 279 -17.64 -11.62 17.95
CA LEU C 279 -18.37 -11.67 19.21
C LEU C 279 -19.88 -11.63 19.03
N ARG C 280 -20.60 -11.96 20.11
CA ARG C 280 -22.06 -11.98 20.09
C ARG C 280 -22.60 -11.48 21.42
N TRP C 281 -23.90 -11.24 21.47
CA TRP C 281 -24.56 -10.87 22.72
C TRP C 281 -24.36 -11.97 23.77
N GLU C 282 -23.98 -11.55 24.98
CA GLU C 282 -23.74 -12.49 26.07
C GLU C 282 -24.86 -12.36 27.10
N PRO C 283 -25.89 -13.21 26.99
CA PRO C 283 -27.06 -13.11 27.89
C PRO C 283 -26.62 -13.14 29.34
N CYS C 284 -26.93 -12.08 30.09
CA CYS C 284 -26.57 -12.01 31.50
C CYS C 284 -25.05 -12.03 31.67
N ILE D 1 -18.38 26.54 -1.93
CA ILE D 1 -19.28 25.50 -1.46
C ILE D 1 -19.27 25.27 0.06
N GLN D 2 -20.44 25.41 0.69
CA GLN D 2 -20.57 25.28 2.14
C GLN D 2 -21.13 23.93 2.62
N ARG D 3 -20.56 23.43 3.71
CA ARG D 3 -20.93 22.13 4.26
CA ARG D 3 -20.95 22.14 4.26
C ARG D 3 -21.40 22.24 5.71
N THR D 4 -22.58 21.70 5.99
CA THR D 4 -23.17 21.75 7.32
C THR D 4 -22.51 20.72 8.23
N PRO D 5 -22.36 21.04 9.52
CA PRO D 5 -21.65 20.13 10.44
C PRO D 5 -22.40 18.82 10.72
N LYS D 6 -21.65 17.73 10.84
CA LYS D 6 -22.17 16.51 11.40
C LYS D 6 -21.91 16.61 12.90
N ILE D 7 -22.75 16.00 13.70
CA ILE D 7 -22.65 16.20 15.14
C ILE D 7 -22.90 14.90 15.86
N GLN D 8 -22.02 14.54 16.79
CA GLN D 8 -22.26 13.41 17.68
C GLN D 8 -22.01 13.85 19.10
N VAL D 9 -22.88 13.44 19.99
CA VAL D 9 -22.75 13.72 21.42
C VAL D 9 -22.67 12.37 22.12
N TYR D 10 -21.71 12.21 23.01
CA TYR D 10 -21.45 10.90 23.60
C TYR D 10 -20.45 11.05 24.72
N SER D 11 -20.35 10.02 25.54
CA SER D 11 -19.43 10.04 26.68
C SER D 11 -18.14 9.32 26.32
N ARG D 12 -17.07 9.67 27.03
CA ARG D 12 -15.79 9.05 26.74
C ARG D 12 -15.85 7.56 27.09
N HIS D 13 -16.34 7.28 28.29
CA HIS D 13 -16.50 5.92 28.75
C HIS D 13 -17.97 5.56 28.86
N PRO D 14 -18.27 4.25 28.86
CA PRO D 14 -19.66 3.82 29.09
C PRO D 14 -20.21 4.50 30.34
N ALA D 15 -21.38 5.13 30.21
CA ALA D 15 -21.93 5.90 31.33
C ALA D 15 -22.34 5.00 32.48
N GLU D 16 -22.01 5.44 33.70
CA GLU D 16 -22.50 4.80 34.91
C GLU D 16 -22.92 5.90 35.86
N ASN D 17 -24.19 5.90 36.23
CA ASN D 17 -24.69 6.92 37.15
C ASN D 17 -23.82 7.07 38.39
N GLY D 18 -23.43 8.30 38.67
CA GLY D 18 -22.58 8.60 39.82
C GLY D 18 -21.09 8.54 39.56
N LYS D 19 -20.67 8.03 38.40
CA LYS D 19 -19.23 7.96 38.11
C LYS D 19 -18.77 9.07 37.17
N SER D 20 -17.69 9.74 37.56
CA SER D 20 -17.15 10.84 36.77
C SER D 20 -16.69 10.34 35.38
N ASN D 21 -16.87 11.20 34.38
CA ASN D 21 -16.74 10.78 32.98
C ASN D 21 -16.51 12.06 32.18
N PHE D 22 -16.52 11.93 30.85
CA PHE D 22 -16.39 13.09 29.98
C PHE D 22 -17.51 13.10 28.98
N LEU D 23 -18.09 14.28 28.76
CA LEU D 23 -19.12 14.43 27.74
C LEU D 23 -18.49 15.12 26.54
N ASN D 24 -18.69 14.52 25.36
CA ASN D 24 -18.09 15.00 24.13
C ASN D 24 -19.15 15.44 23.15
N CYS D 25 -18.80 16.46 22.37
CA CYS D 25 -19.60 16.84 21.23
C CYS D 25 -18.63 17.01 20.08
N TYR D 26 -18.72 16.08 19.14
CA TYR D 26 -17.77 16.03 18.04
C TYR D 26 -18.43 16.66 16.84
N VAL D 27 -17.85 17.73 16.33
CA VAL D 27 -18.40 18.38 15.14
C VAL D 27 -17.40 18.29 14.00
N SER D 28 -17.89 17.87 12.83
CA SER D 28 -16.97 17.59 11.73
C SER D 28 -17.63 17.76 10.39
N GLY D 29 -16.80 17.69 9.34
CA GLY D 29 -17.29 17.79 7.97
C GLY D 29 -17.92 19.13 7.62
N PHE D 30 -17.56 20.20 8.33
CA PHE D 30 -18.18 21.51 8.04
C PHE D 30 -17.25 22.50 7.36
N HIS D 31 -17.84 23.48 6.68
CA HIS D 31 -17.10 24.52 5.98
C HIS D 31 -18.04 25.68 5.74
N PRO D 32 -17.62 26.92 6.02
CA PRO D 32 -16.30 27.35 6.54
C PRO D 32 -16.10 27.04 8.03
N SER D 33 -15.03 27.60 8.57
CA SER D 33 -14.50 27.12 9.86
C SER D 33 -15.16 27.73 11.09
N ASP D 34 -15.76 28.91 10.95
CA ASP D 34 -16.44 29.54 12.09
C ASP D 34 -17.61 28.68 12.54
N ILE D 35 -17.65 28.38 13.83
CA ILE D 35 -18.72 27.55 14.37
C ILE D 35 -18.91 27.82 15.86
N GLU D 36 -20.13 27.62 16.35
CA GLU D 36 -20.45 27.86 17.75
C GLU D 36 -20.99 26.58 18.33
N VAL D 37 -20.39 26.14 19.43
CA VAL D 37 -20.79 24.91 20.06
C VAL D 37 -20.92 25.11 21.56
N ASP D 38 -22.08 24.72 22.10
CA ASP D 38 -22.28 24.72 23.55
C ASP D 38 -22.70 23.34 24.04
N LEU D 39 -22.13 22.90 25.15
CA LEU D 39 -22.69 21.76 25.86
C LEU D 39 -23.69 22.27 26.89
N LEU D 40 -24.84 21.61 26.96
CA LEU D 40 -25.92 22.01 27.86
C LEU D 40 -26.25 20.94 28.87
N LYS D 41 -26.50 21.37 30.10
CA LYS D 41 -27.03 20.50 31.15
C LYS D 41 -28.40 21.01 31.55
N ASN D 42 -29.41 20.16 31.39
CA ASN D 42 -30.80 20.55 31.64
C ASN D 42 -31.10 21.91 31.03
N GLY D 43 -30.64 22.10 29.79
CA GLY D 43 -30.95 23.31 29.04
C GLY D 43 -30.02 24.49 29.31
N GLU D 44 -29.14 24.35 30.28
CA GLU D 44 -28.25 25.45 30.65
C GLU D 44 -26.81 25.21 30.18
N ARG D 45 -26.23 26.23 29.57
CA ARG D 45 -24.87 26.16 29.08
C ARG D 45 -23.90 25.76 30.20
N ILE D 46 -23.12 24.72 29.96
CA ILE D 46 -22.05 24.33 30.86
C ILE D 46 -20.87 25.26 30.61
N GLU D 47 -20.30 25.83 31.67
CA GLU D 47 -19.24 26.84 31.50
C GLU D 47 -17.82 26.29 31.38
N LYS D 48 -17.55 25.18 32.08
CA LYS D 48 -16.22 24.57 32.11
C LYS D 48 -15.98 23.68 30.88
N VAL D 49 -16.20 24.23 29.69
CA VAL D 49 -16.10 23.44 28.46
C VAL D 49 -14.86 23.79 27.67
N GLU D 50 -14.08 22.77 27.30
CA GLU D 50 -12.87 22.98 26.51
C GLU D 50 -13.06 22.41 25.11
N HIS D 51 -12.18 22.77 24.18
CA HIS D 51 -12.21 22.21 22.84
C HIS D 51 -10.82 21.98 22.26
N SER D 52 -10.72 21.04 21.33
CA SER D 52 -9.47 20.77 20.64
C SER D 52 -9.12 21.92 19.70
N ASP D 53 -7.87 21.99 19.26
CA ASP D 53 -7.50 22.98 18.26
C ASP D 53 -8.07 22.62 16.89
N LEU D 54 -8.41 23.64 16.12
CA LEU D 54 -9.01 23.48 14.81
C LEU D 54 -8.12 22.65 13.86
N SER D 55 -8.73 21.66 13.21
CA SER D 55 -8.05 20.89 12.18
C SER D 55 -8.95 20.76 10.99
N PHE D 56 -8.36 20.33 9.87
CA PHE D 56 -9.18 19.99 8.72
C PHE D 56 -8.79 18.67 8.04
N SER D 57 -9.72 18.09 7.29
CA SER D 57 -9.55 16.77 6.71
C SER D 57 -9.16 16.91 5.25
N LYS D 58 -8.83 15.79 4.64
CA LYS D 58 -8.35 15.76 3.26
C LYS D 58 -9.41 16.25 2.28
N ASP D 59 -10.68 16.19 2.68
CA ASP D 59 -11.73 16.71 1.82
C ASP D 59 -11.95 18.21 2.08
N TRP D 60 -11.03 18.79 2.86
CA TRP D 60 -11.02 20.23 3.17
C TRP D 60 -12.11 20.69 4.16
N SER D 61 -12.67 19.78 4.95
CA SER D 61 -13.77 20.13 5.85
C SER D 61 -13.11 20.11 7.22
N PHE D 62 -13.59 20.95 8.10
CA PHE D 62 -13.02 21.12 9.43
C PHE D 62 -13.68 20.19 10.45
N TYR D 63 -13.00 19.98 11.57
CA TYR D 63 -13.56 19.20 12.66
C TYR D 63 -12.91 19.60 13.97
N LEU D 64 -13.66 19.44 15.04
CA LEU D 64 -13.12 19.67 16.37
C LEU D 64 -13.95 18.96 17.41
N LEU D 65 -13.36 18.78 18.57
CA LEU D 65 -14.01 18.12 19.67
C LEU D 65 -14.20 19.12 20.82
N TYR D 66 -15.44 19.28 21.28
CA TYR D 66 -15.75 20.02 22.51
C TYR D 66 -16.01 18.99 23.60
N TYR D 67 -15.54 19.26 24.82
CA TYR D 67 -15.66 18.27 25.89
C TYR D 67 -15.63 18.90 27.26
N THR D 68 -16.26 18.21 28.20
CA THR D 68 -16.27 18.63 29.57
C THR D 68 -16.37 17.41 30.49
N GLU D 69 -15.74 17.49 31.64
CA GLU D 69 -15.92 16.48 32.67
C GLU D 69 -17.34 16.58 33.21
N PHE D 70 -17.97 15.45 33.49
CA PHE D 70 -19.30 15.45 34.11
C PHE D 70 -19.55 14.13 34.82
N THR D 71 -20.58 14.12 35.66
CA THR D 71 -20.98 12.92 36.35
C THR D 71 -22.45 12.67 36.09
N PRO D 72 -22.74 11.72 35.18
CA PRO D 72 -24.12 11.42 34.78
C PRO D 72 -24.96 10.91 35.94
N THR D 73 -26.23 11.28 35.95
CA THR D 73 -27.21 10.74 36.88
C THR D 73 -28.39 10.24 36.07
N GLU D 74 -29.37 9.65 36.76
CA GLU D 74 -30.57 9.14 36.11
C GLU D 74 -31.36 10.24 35.39
N LYS D 75 -31.47 11.40 36.02
CA LYS D 75 -32.43 12.40 35.54
C LYS D 75 -31.84 13.59 34.79
N ASP D 76 -30.52 13.82 34.92
CA ASP D 76 -29.90 14.94 34.19
C ASP D 76 -29.86 14.72 32.67
N GLU D 77 -30.34 15.72 31.94
CA GLU D 77 -30.40 15.64 30.49
C GLU D 77 -29.29 16.50 29.91
N TYR D 78 -28.52 15.92 28.98
CA TYR D 78 -27.42 16.65 28.38
C TYR D 78 -27.60 16.78 26.89
N ALA D 79 -27.08 17.85 26.32
CA ALA D 79 -27.21 18.10 24.90
C ALA D 79 -26.05 18.93 24.36
N CYS D 80 -25.98 19.03 23.05
CA CYS D 80 -25.00 19.86 22.38
C CYS D 80 -25.75 20.75 21.42
N ARG D 81 -25.45 22.04 21.42
CA ARG D 81 -26.14 23.00 20.56
C ARG D 81 -25.12 23.61 19.63
N VAL D 82 -25.40 23.55 18.33
CA VAL D 82 -24.44 23.97 17.33
C VAL D 82 -25.06 25.01 16.39
N ASN D 83 -24.30 26.03 16.12
CA ASN D 83 -24.71 27.01 15.13
C ASN D 83 -23.56 27.24 14.15
N HIS D 84 -23.93 27.54 12.91
CA HIS D 84 -23.01 27.57 11.79
C HIS D 84 -23.75 28.33 10.72
N VAL D 85 -23.02 28.98 9.80
CA VAL D 85 -23.66 29.74 8.74
C VAL D 85 -24.63 28.88 7.88
N THR D 86 -24.41 27.58 7.80
CA THR D 86 -25.32 26.71 7.03
C THR D 86 -26.63 26.38 7.74
N LEU D 87 -26.72 26.73 9.02
CA LEU D 87 -27.92 26.40 9.79
C LEU D 87 -28.83 27.61 9.98
N SER D 88 -30.09 27.47 9.60
CA SER D 88 -31.07 28.55 9.77
CA SER D 88 -31.09 28.53 9.76
C SER D 88 -31.31 28.78 11.24
N GLN D 89 -31.27 27.70 12.02
CA GLN D 89 -31.48 27.73 13.45
C GLN D 89 -30.40 26.87 14.10
N PRO D 90 -30.01 27.20 15.33
CA PRO D 90 -29.09 26.36 16.08
C PRO D 90 -29.61 24.91 16.14
N LYS D 91 -28.71 23.96 15.93
CA LYS D 91 -29.07 22.54 15.92
C LYS D 91 -28.78 21.95 17.29
N ILE D 92 -29.77 21.32 17.87
CA ILE D 92 -29.63 20.70 19.20
C ILE D 92 -29.64 19.18 19.12
N VAL D 93 -28.58 18.55 19.63
CA VAL D 93 -28.48 17.10 19.63
C VAL D 93 -28.42 16.59 21.06
N LYS D 94 -29.40 15.77 21.45
CA LYS D 94 -29.46 15.25 22.82
C LYS D 94 -28.51 14.08 23.04
N TRP D 95 -27.92 14.01 24.23
CA TRP D 95 -27.10 12.87 24.59
C TRP D 95 -27.96 11.66 24.92
N ASP D 96 -27.69 10.54 24.23
CA ASP D 96 -28.31 9.25 24.54
C ASP D 96 -27.18 8.32 24.98
N ARG D 97 -27.22 7.91 26.24
CA ARG D 97 -26.08 7.21 26.82
C ARG D 97 -25.82 5.86 26.16
N ASP D 98 -26.81 5.36 25.42
CA ASP D 98 -26.65 4.09 24.70
C ASP D 98 -26.09 4.26 23.30
N MET D 99 -25.66 5.47 22.95
CA MET D 99 -25.20 5.74 21.59
C MET D 99 -23.93 6.58 21.46
N ALA E 1 -5.23 -23.17 0.27
CA ALA E 1 -5.77 -24.22 -0.58
C ALA E 1 -6.35 -23.58 -1.83
N ILE E 2 -5.99 -24.14 -2.99
CA ILE E 2 -6.37 -23.57 -4.28
C ILE E 2 -7.87 -23.71 -4.55
N VAL E 3 -8.40 -22.86 -5.42
CA VAL E 3 -9.80 -22.91 -5.82
C VAL E 3 -10.02 -24.03 -6.83
N ASN E 4 -11.24 -24.53 -6.90
CA ASN E 4 -11.62 -25.49 -7.95
C ASN E 4 -12.03 -24.73 -9.21
N TYR E 5 -11.33 -24.97 -10.32
CA TYR E 5 -11.58 -24.17 -11.52
C TYR E 5 -12.80 -24.65 -12.28
N ALA E 6 -13.54 -23.69 -12.82
CA ALA E 6 -14.67 -23.97 -13.68
C ALA E 6 -14.20 -24.02 -15.13
N ASN E 7 -14.96 -24.71 -15.98
CA ASN E 7 -14.60 -24.76 -17.39
C ASN E 7 -14.75 -23.45 -18.17
N LEU E 8 -13.79 -23.21 -19.05
CA LEU E 8 -13.83 -22.12 -20.01
C LEU E 8 -14.88 -22.38 -21.08
N ALA F 1 10.10 20.07 7.89
CA ALA F 1 10.03 21.51 7.74
C ALA F 1 9.17 21.86 6.52
N ILE F 2 8.26 22.80 6.70
CA ILE F 2 7.32 23.16 5.65
C ILE F 2 7.99 23.89 4.50
N VAL F 3 7.35 23.85 3.33
CA VAL F 3 7.83 24.60 2.18
C VAL F 3 7.51 26.11 2.30
N ASN F 4 8.29 26.93 1.60
CA ASN F 4 7.99 28.36 1.48
C ASN F 4 7.07 28.59 0.29
N TYR F 5 5.87 29.07 0.56
CA TYR F 5 4.85 29.16 -0.47
C TYR F 5 5.10 30.34 -1.40
N ALA F 6 4.80 30.14 -2.68
CA ALA F 6 4.88 31.21 -3.67
C ALA F 6 3.52 31.87 -3.79
N ASN F 7 3.48 33.10 -4.30
CA ASN F 7 2.20 33.77 -4.47
C ASN F 7 1.29 33.19 -5.57
N LEU F 8 0.00 33.20 -5.28
CA LEU F 8 -1.04 32.87 -6.26
C LEU F 8 -1.19 34.01 -7.27
#